data_9KQO
#
_entry.id   9KQO
#
_cell.length_a   1.00
_cell.length_b   1.00
_cell.length_c   1.00
_cell.angle_alpha   90.00
_cell.angle_beta   90.00
_cell.angle_gamma   90.00
#
_symmetry.space_group_name_H-M   'P 1'
#
loop_
_entity.id
_entity.type
_entity.pdbx_description
1 polymer 'E3 ubiquitin-protein ligase BRE1B'
2 polymer Polyubiquitin-B
3 polymer 'Histone H2A type 1-B/E'
4 polymer 'Histone H2B type 1-K'
5 polymer 'Histone H3'
6 polymer 'Histone H4'
7 polymer 'DNA (147-MER)'
8 polymer 'DNA (147-MER)'
9 polymer 'E3 ubiquitin-protein ligase BRE1A'
10 polymer 'Ubiquitin-conjugating enzyme E2 A'
11 non-polymer 'ZINC ION'
12 non-polymer 2-acetamido-2-deoxy-beta-D-glucopyranose
#
loop_
_entity_poly.entity_id
_entity_poly.type
_entity_poly.pdbx_seq_one_letter_code
_entity_poly.pdbx_strand_id
1 'polypeptide(L)' EYKARLTCPCCNTRKKDAVLTKCFHVFCFECVRGRYEARQRKCPKCNAAFGAHDFHRIYI A
2 'polypeptide(L)' MQIFVKTLTGKTITLEVEPSDTIENVKAKIQDKEGIPPDQQRLIFAGKQLEDGRTLSDYNIQKESTLHLVLRLRG B
3 'polypeptide(L)'
;SGRGKQGGKARAKAKTRSSRAGLQFPVGRVHRLLRKGNYSERVGAGAPVYLAAVLEYLTAEILELAGNAARDNKKTRIIP
RHLQLAIRNDEELNKLLGRVTIAQGGVLPNIQAVLLPKKTESHHKAKGK
;
C,G
4 'polypeptide(L)'
;PEPAKSAPAPKKGSKKAVTKAQKKDGKKRKRSRKESYSVYVYKVLKQVHPDTGISSKAMGIMNSFVNDIFERIAGEASRL
AHYNKRSTITSREIQTAVRLLLPGELAKHAVSEGTKAVTCYTSAK
;
D,H
5 'polypeptide(L)'
;ARTKQTARKSTGGKAPRKQLATKAARKSAPATGGVKKPHRYRPGTVALREIRRYQKSTELLIRKLPFQRLVREIAQDFKT
DLRFQSSAVMALQEASEAYLVGLFEDTNLSAIHAKRVTIMPKDIQLARRIRGERA
;
E,K
6 'polypeptide(L)'
;SGRGKGGKGLGKGGAKRHRKVLRDNIQGITKPAIRRLARRGGVKRISGLIYEETRGVLKVFLENVIRDAVTYTEHAKRKT
VTAMDVVYALKRQGRTLYGFGG
;
F,L
7 'polydeoxyribonucleotide'
;(DA)(DC)(DA)(DG)(DG)(DA)(DT)(DG)(DT)(DA)(DT)(DA)(DT)(DA)(DT)(DC)(DT)(DG)(DA)(DC)
(DA)(DC)(DG)(DT)(DG)(DC)(DC)(DT)(DG)(DG)(DA)(DG)(DA)(DC)(DT)(DA)(DG)(DG)(DG)(DA)
(DG)(DT)(DA)(DA)(DT)(DC)(DC)(DC)(DC)(DT)(DT)(DG)(DG)(DC)(DG)(DG)(DT)(DT)(DA)(DA)
(DA)(DA)(DC)(DG)(DC)(DG)(DG)(DG)(DG)(DG)(DA)(DC)(DA)(DG)(DC)(DG)(DC)(DG)(DT)(DA)
(DC)(DG)(DT)(DG)(DC)(DG)(DT)(DT)(DT)(DA)(DA)(DG)(DC)(DG)(DG)(DT)(DG)(DC)(DT)(DA)
(DG)(DA)(DG)(DC)(DT)(DG)(DT)(DC)(DT)(DA)(DC)(DG)(DA)(DC)(DC)(DA)(DA)(DT)(DT)(DG)
(DA)(DG)(DC)(DG)(DG)(DC)(DC)(DT)(DC)(DG)(DG)(DC)(DA)(DC)(DC)(DG)(DG)(DG)(DA)(DT)
(DT)(DC)(DT)(DC)(DC)(DA)(DG)
;
I
8 'polydeoxyribonucleotide'
;(DC)(DT)(DG)(DG)(DA)(DG)(DA)(DA)(DT)(DC)(DC)(DC)(DG)(DG)(DT)(DG)(DC)(DC)(DG)(DA)
(DG)(DG)(DC)(DC)(DG)(DC)(DT)(DC)(DA)(DA)(DT)(DT)(DG)(DG)(DT)(DC)(DG)(DT)(DA)(DG)
(DA)(DC)(DA)(DG)(DC)(DT)(DC)(DT)(DA)(DG)(DC)(DA)(DC)(DC)(DG)(DC)(DT)(DT)(DA)(DA)
(DA)(DC)(DG)(DC)(DA)(DC)(DG)(DT)(DA)(DC)(DG)(DC)(DG)(DC)(DT)(DG)(DT)(DC)(DC)(DC)
(DC)(DC)(DG)(DC)(DG)(DT)(DT)(DT)(DT)(DA)(DA)(DC)(DC)(DG)(DC)(DC)(DA)(DA)(DG)(DG)
(DG)(DG)(DA)(DT)(DT)(DA)(DC)(DT)(DC)(DC)(DC)(DT)(DA)(DG)(DT)(DC)(DT)(DC)(DC)(DA)
(DG)(DG)(DC)(DA)(DC)(DG)(DT)(DG)(DT)(DC)(DA)(DG)(DA)(DT)(DA)(DT)(DA)(DT)(DA)(DC)
(DA)(DT)(DC)(DC)(DT)(DG)(DT)
;
J
9 'polypeptide(L)' DYKARLTCPCCNMRKKDAVLTKCFHVFCFECVKTRYDTRQRKCPKCNAAFGANDFHRIYI M
10 'polypeptide(L)'
;MSTPARRRLMRDFKRLQEDPPAGVSGAPSENNIMVWNAVIFGPEGTPFEDGTFKLTIEFTEEYPNKPPTVRFVSKMFHPN
VYADGSICLDILQNRWSPTYDVSSILTSIQSLLDEPNPNSPANSQAAQLYQENKREYEKRVSAIVEQSWR
;
R
#
loop_
_chem_comp.id
_chem_comp.type
_chem_comp.name
_chem_comp.formula
DA DNA linking 2'-DEOXYADENOSINE-5'-MONOPHOSPHATE 'C10 H14 N5 O6 P'
DC DNA linking 2'-DEOXYCYTIDINE-5'-MONOPHOSPHATE 'C9 H14 N3 O7 P'
DG DNA linking 2'-DEOXYGUANOSINE-5'-MONOPHOSPHATE 'C10 H14 N5 O7 P'
DT DNA linking THYMIDINE-5'-MONOPHOSPHATE 'C10 H15 N2 O8 P'
NAG D-saccharide, beta linking 2-acetamido-2-deoxy-beta-D-glucopyranose 'C8 H15 N O6'
ZN non-polymer 'ZINC ION' 'Zn 2'
#
# COMPACT_ATOMS: atom_id res chain seq x y z
N GLU A 1 33.46 25.17 -28.86
CA GLU A 1 32.71 25.58 -27.69
C GLU A 1 32.64 24.45 -26.66
N TYR A 2 32.72 23.22 -27.14
CA TYR A 2 32.67 22.08 -26.23
C TYR A 2 33.86 22.07 -25.29
N LYS A 3 35.06 22.34 -25.81
CA LYS A 3 36.25 22.40 -24.97
C LYS A 3 36.12 23.54 -23.96
N ALA A 4 35.69 24.72 -24.43
CA ALA A 4 35.54 25.86 -23.53
C ALA A 4 34.43 25.64 -22.51
N ARG A 5 33.36 24.96 -22.93
CA ARG A 5 32.26 24.68 -22.00
C ARG A 5 32.71 23.70 -20.93
N LEU A 6 33.47 22.68 -21.30
CA LEU A 6 33.83 21.62 -20.36
C LEU A 6 35.01 22.00 -19.48
N THR A 7 35.88 22.90 -19.93
CA THR A 7 36.98 23.35 -19.10
C THR A 7 36.47 24.28 -18.00
N CYS A 8 37.13 24.25 -16.84
CA CYS A 8 36.72 25.10 -15.74
C CYS A 8 37.01 26.56 -16.08
N PRO A 9 36.18 27.49 -15.59
CA PRO A 9 36.40 28.91 -15.96
C PRO A 9 37.48 29.60 -15.16
N CYS A 10 37.89 29.05 -14.01
CA CYS A 10 38.94 29.69 -13.22
C CYS A 10 40.24 29.78 -14.01
N CYS A 11 40.61 28.70 -14.71
CA CYS A 11 41.82 28.68 -15.52
C CYS A 11 41.54 28.70 -17.01
N ASN A 12 40.48 28.02 -17.46
CA ASN A 12 40.14 27.95 -18.89
C ASN A 12 41.19 27.20 -19.69
N THR A 13 42.07 26.45 -19.02
CA THR A 13 43.11 25.68 -19.69
C THR A 13 42.99 24.20 -19.33
N ARG A 14 42.45 23.91 -18.14
CA ARG A 14 42.34 22.56 -17.64
C ARG A 14 40.87 22.16 -17.56
N LYS A 15 40.61 20.87 -17.76
CA LYS A 15 39.24 20.38 -17.80
C LYS A 15 38.59 20.46 -16.43
N LYS A 16 37.33 20.88 -16.40
CA LYS A 16 36.58 20.99 -15.16
C LYS A 16 36.04 19.63 -14.76
N ASP A 17 36.48 19.12 -13.62
CA ASP A 17 36.08 17.78 -13.19
C ASP A 17 35.79 17.71 -11.68
N ALA A 18 35.48 18.83 -11.04
CA ALA A 18 35.14 18.86 -9.63
C ALA A 18 33.87 19.65 -9.42
N VAL A 19 33.10 19.28 -8.40
CA VAL A 19 31.84 19.92 -8.07
C VAL A 19 31.85 20.26 -6.59
N LEU A 20 31.41 21.48 -6.26
CA LEU A 20 31.35 21.93 -4.88
C LEU A 20 30.00 21.54 -4.28
N THR A 21 30.03 20.94 -3.09
CA THR A 21 28.85 20.24 -2.58
C THR A 21 27.67 21.18 -2.40
N LYS A 22 27.86 22.27 -1.66
CA LYS A 22 26.71 23.09 -1.29
C LYS A 22 26.21 23.96 -2.44
N CYS A 23 27.11 24.51 -3.26
CA CYS A 23 26.71 25.40 -4.34
C CYS A 23 26.68 24.74 -5.70
N PHE A 24 27.32 23.59 -5.87
CA PHE A 24 27.28 22.83 -7.12
C PHE A 24 27.75 23.68 -8.29
N HIS A 25 29.03 24.06 -8.25
CA HIS A 25 29.71 24.71 -9.36
C HIS A 25 30.85 23.82 -9.82
N VAL A 26 30.99 23.68 -11.14
CA VAL A 26 31.99 22.80 -11.72
C VAL A 26 33.30 23.55 -11.88
N PHE A 27 34.38 22.96 -11.39
CA PHE A 27 35.71 23.55 -11.52
C PHE A 27 36.72 22.42 -11.68
N CYS A 28 38.01 22.75 -11.58
CA CYS A 28 39.09 21.80 -11.74
C CYS A 28 39.50 21.27 -10.36
N PHE A 29 40.54 20.43 -10.36
CA PHE A 29 41.03 19.88 -9.09
C PHE A 29 42.03 20.81 -8.42
N GLU A 30 43.17 21.05 -9.06
CA GLU A 30 44.27 21.68 -8.35
C GLU A 30 44.03 23.16 -8.11
N CYS A 31 43.28 23.84 -8.98
CA CYS A 31 42.96 25.23 -8.70
C CYS A 31 42.15 25.33 -7.40
N VAL A 32 41.16 24.45 -7.24
CA VAL A 32 40.35 24.47 -6.03
C VAL A 32 41.18 24.09 -4.81
N ARG A 33 42.02 23.05 -4.93
CA ARG A 33 42.83 22.67 -3.78
C ARG A 33 43.79 23.80 -3.39
N GLY A 34 44.40 24.47 -4.37
CA GLY A 34 45.29 25.57 -4.05
C GLY A 34 44.56 26.73 -3.40
N ARG A 35 43.37 27.05 -3.90
CA ARG A 35 42.58 28.11 -3.27
C ARG A 35 42.25 27.77 -1.83
N TYR A 36 41.81 26.53 -1.58
CA TYR A 36 41.48 26.14 -0.22
C TYR A 36 42.72 26.14 0.67
N GLU A 37 43.87 25.72 0.15
CA GLU A 37 45.11 25.86 0.91
C GLU A 37 45.44 27.32 1.18
N ALA A 38 44.96 28.22 0.31
CA ALA A 38 45.13 29.65 0.50
C ALA A 38 44.08 30.25 1.42
N ARG A 39 43.34 29.43 2.14
CA ARG A 39 42.45 29.87 3.21
C ARG A 39 41.18 30.51 2.67
N GLN A 40 41.08 30.70 1.35
CA GLN A 40 39.94 31.41 0.78
C GLN A 40 38.79 30.44 0.57
N ARG A 41 37.76 30.55 1.41
CA ARG A 41 36.49 29.85 1.19
C ARG A 41 35.61 30.75 0.31
N LYS A 42 36.02 30.88 -0.95
CA LYS A 42 35.41 31.83 -1.86
C LYS A 42 35.09 31.15 -3.18
N CYS A 43 33.84 31.31 -3.63
CA CYS A 43 33.37 30.77 -4.90
C CYS A 43 33.33 31.87 -5.94
N PRO A 44 33.84 31.65 -7.17
CA PRO A 44 33.89 32.75 -8.14
C PRO A 44 32.53 33.09 -8.74
N LYS A 45 31.52 32.26 -8.52
CA LYS A 45 30.18 32.50 -9.08
C LYS A 45 29.17 32.90 -8.03
N CYS A 46 29.19 32.29 -6.86
CA CYS A 46 28.25 32.59 -5.79
C CYS A 46 28.91 33.11 -4.52
N ASN A 47 30.24 33.08 -4.44
CA ASN A 47 30.97 33.55 -3.26
C ASN A 47 30.60 32.73 -2.02
N ALA A 48 30.13 31.51 -2.21
CA ALA A 48 29.74 30.66 -1.10
C ALA A 48 30.97 30.13 -0.37
N ALA A 49 30.84 30.00 0.95
CA ALA A 49 31.88 29.43 1.79
C ALA A 49 31.84 27.91 1.71
N PHE A 50 32.97 27.28 1.98
CA PHE A 50 33.10 25.83 1.88
C PHE A 50 34.08 25.35 2.94
N GLY A 51 34.46 24.08 2.84
CA GLY A 51 35.39 23.49 3.77
C GLY A 51 36.10 22.30 3.15
N ALA A 52 36.91 21.63 3.97
CA ALA A 52 37.68 20.49 3.49
C ALA A 52 36.79 19.34 3.04
N HIS A 53 35.56 19.26 3.53
CA HIS A 53 34.65 18.18 3.19
C HIS A 53 33.60 18.60 2.16
N ASP A 54 33.79 19.76 1.52
CA ASP A 54 32.79 20.32 0.62
C ASP A 54 33.20 20.19 -0.84
N PHE A 55 33.99 19.17 -1.16
CA PHE A 55 34.44 18.93 -2.52
C PHE A 55 34.90 17.49 -2.64
N HIS A 56 35.00 17.02 -3.88
CA HIS A 56 35.47 15.67 -4.13
C HIS A 56 35.63 15.48 -5.63
N ARG A 57 36.38 14.45 -6.01
CA ARG A 57 36.53 14.09 -7.41
C ARG A 57 35.20 13.65 -8.02
N ILE A 58 34.98 14.05 -9.28
CA ILE A 58 33.88 13.58 -10.09
C ILE A 58 34.41 13.31 -11.49
N TYR A 59 33.99 12.20 -12.09
CA TYR A 59 34.35 11.86 -13.45
C TYR A 59 33.10 11.70 -14.30
N ILE A 60 33.16 12.21 -15.52
CA ILE A 60 32.03 12.12 -16.45
C ILE A 60 32.03 10.76 -17.12
N MET B 1 46.14 -1.14 -1.01
CA MET B 1 46.76 -1.06 -2.37
C MET B 1 45.67 -1.06 -3.43
N GLN B 2 45.60 0.03 -4.20
CA GLN B 2 44.55 0.19 -5.18
C GLN B 2 44.73 -0.81 -6.33
N ILE B 3 43.62 -1.44 -6.73
CA ILE B 3 43.59 -2.33 -7.88
C ILE B 3 42.43 -1.91 -8.78
N PHE B 4 42.56 -2.28 -10.05
CA PHE B 4 41.54 -1.97 -11.05
C PHE B 4 40.74 -3.23 -11.38
N VAL B 5 39.42 -3.11 -11.36
CA VAL B 5 38.52 -4.19 -11.72
C VAL B 5 37.57 -3.67 -12.78
N LYS B 6 37.48 -4.38 -13.90
CA LYS B 6 36.73 -3.94 -15.07
C LYS B 6 35.37 -4.62 -15.13
N THR B 7 34.37 -3.88 -15.58
CA THR B 7 33.02 -4.39 -15.77
C THR B 7 32.78 -4.63 -17.27
N LEU B 8 31.55 -5.00 -17.62
CA LEU B 8 31.19 -5.30 -19.00
C LEU B 8 30.62 -4.09 -19.74
N THR B 9 30.50 -2.94 -19.08
CA THR B 9 29.93 -1.74 -19.68
C THR B 9 30.93 -0.59 -19.75
N GLY B 10 32.22 -0.92 -19.89
CA GLY B 10 33.25 0.08 -20.02
C GLY B 10 33.64 0.78 -18.74
N LYS B 11 33.22 0.27 -17.58
CA LYS B 11 33.57 0.87 -16.30
C LYS B 11 34.67 0.06 -15.63
N THR B 12 35.59 0.77 -14.99
CA THR B 12 36.62 0.19 -14.15
C THR B 12 36.43 0.70 -12.74
N ILE B 13 36.30 -0.21 -11.77
CA ILE B 13 36.08 0.13 -10.38
C ILE B 13 37.38 -0.06 -9.62
N THR B 14 37.72 0.90 -8.77
CA THR B 14 38.97 0.89 -8.02
C THR B 14 38.74 0.28 -6.65
N LEU B 15 39.49 -0.78 -6.34
CA LEU B 15 39.41 -1.48 -5.07
C LEU B 15 40.74 -1.36 -4.34
N GLU B 16 40.67 -0.99 -3.07
CA GLU B 16 41.86 -0.92 -2.21
C GLU B 16 41.93 -2.23 -1.42
N VAL B 17 42.83 -3.11 -1.81
CA VAL B 17 42.98 -4.42 -1.23
C VAL B 17 44.45 -4.67 -0.92
N GLU B 18 44.76 -5.87 -0.44
CA GLU B 18 46.11 -6.28 -0.12
C GLU B 18 46.40 -7.62 -0.80
N PRO B 19 47.67 -7.92 -1.07
CA PRO B 19 47.99 -9.21 -1.70
C PRO B 19 47.48 -10.41 -0.92
N SER B 20 47.51 -10.36 0.41
CA SER B 20 47.06 -11.47 1.23
C SER B 20 45.55 -11.60 1.28
N ASP B 21 44.81 -10.60 0.80
CA ASP B 21 43.36 -10.67 0.84
C ASP B 21 42.85 -11.79 -0.05
N THR B 22 41.87 -12.54 0.45
CA THR B 22 41.29 -13.63 -0.30
C THR B 22 40.38 -13.10 -1.41
N ILE B 23 40.16 -13.93 -2.43
CA ILE B 23 39.21 -13.59 -3.47
C ILE B 23 37.82 -13.40 -2.88
N GLU B 24 37.48 -14.19 -1.87
CA GLU B 24 36.19 -14.00 -1.19
C GLU B 24 36.13 -12.64 -0.53
N ASN B 25 37.22 -12.19 0.09
CA ASN B 25 37.21 -10.88 0.71
C ASN B 25 37.11 -9.77 -0.33
N VAL B 26 37.79 -9.94 -1.47
CA VAL B 26 37.67 -8.96 -2.55
C VAL B 26 36.22 -8.89 -3.04
N LYS B 27 35.58 -10.06 -3.17
CA LYS B 27 34.18 -10.08 -3.59
C LYS B 27 33.28 -9.45 -2.54
N ALA B 28 33.62 -9.59 -1.26
CA ALA B 28 32.86 -8.94 -0.21
C ALA B 28 33.00 -7.42 -0.27
N LYS B 29 34.21 -6.94 -0.56
CA LYS B 29 34.40 -5.51 -0.76
C LYS B 29 33.62 -5.02 -1.97
N ILE B 30 33.58 -5.84 -3.02
CA ILE B 30 32.78 -5.50 -4.20
C ILE B 30 31.30 -5.46 -3.85
N GLN B 31 30.86 -6.35 -2.96
CA GLN B 31 29.49 -6.25 -2.45
C GLN B 31 29.30 -4.93 -1.71
N ASP B 32 30.28 -4.55 -0.90
CA ASP B 32 30.14 -3.35 -0.08
C ASP B 32 29.98 -2.10 -0.93
N LYS B 33 30.85 -1.91 -1.92
CA LYS B 33 30.84 -0.67 -2.69
C LYS B 33 30.20 -0.78 -4.08
N GLU B 34 29.69 -1.95 -4.46
CA GLU B 34 29.03 -2.15 -5.74
C GLU B 34 27.78 -2.99 -5.64
N GLY B 35 27.41 -3.47 -4.45
CA GLY B 35 26.18 -4.20 -4.28
C GLY B 35 26.09 -5.49 -5.05
N ILE B 36 27.20 -6.20 -5.22
CA ILE B 36 27.22 -7.50 -5.88
C ILE B 36 27.59 -8.55 -4.82
N PRO B 37 26.68 -9.45 -4.46
CA PRO B 37 27.01 -10.43 -3.42
C PRO B 37 28.19 -11.28 -3.83
N PRO B 38 29.00 -11.72 -2.87
CA PRO B 38 30.19 -12.51 -3.24
C PRO B 38 29.87 -13.77 -4.03
N ASP B 39 28.77 -14.44 -3.69
CA ASP B 39 28.38 -15.62 -4.45
C ASP B 39 27.94 -15.26 -5.87
N GLN B 40 27.73 -13.98 -6.15
CA GLN B 40 27.30 -13.51 -7.47
C GLN B 40 28.44 -12.86 -8.25
N GLN B 41 29.66 -13.35 -8.10
CA GLN B 41 30.81 -12.78 -8.81
C GLN B 41 31.73 -13.89 -9.31
N ARG B 42 32.31 -13.65 -10.49
CA ARG B 42 33.38 -14.47 -11.06
C ARG B 42 34.50 -13.52 -11.46
N LEU B 43 35.62 -13.60 -10.76
CA LEU B 43 36.76 -12.73 -11.02
C LEU B 43 37.79 -13.48 -11.85
N ILE B 44 38.27 -12.83 -12.92
CA ILE B 44 39.20 -13.42 -13.86
C ILE B 44 40.42 -12.50 -13.99
N PHE B 45 41.62 -13.07 -13.90
CA PHE B 45 42.85 -12.34 -14.07
C PHE B 45 43.79 -13.13 -14.97
N ALA B 46 44.26 -12.48 -16.03
CA ALA B 46 45.20 -13.10 -16.97
C ALA B 46 44.64 -14.41 -17.52
N GLY B 47 43.33 -14.45 -17.74
CA GLY B 47 42.69 -15.62 -18.28
C GLY B 47 42.54 -16.77 -17.29
N LYS B 48 42.80 -16.55 -16.02
CA LYS B 48 42.70 -17.58 -15.00
C LYS B 48 41.41 -17.42 -14.19
N GLN B 49 40.82 -18.55 -13.82
CA GLN B 49 39.57 -18.58 -13.08
C GLN B 49 39.90 -18.49 -11.59
N LEU B 50 39.70 -17.31 -11.01
CA LEU B 50 39.98 -17.11 -9.60
C LEU B 50 38.96 -17.85 -8.74
N GLU B 51 39.42 -18.32 -7.59
CA GLU B 51 38.57 -19.06 -6.66
C GLU B 51 38.49 -18.30 -5.34
N ASP B 52 37.32 -18.34 -4.71
CA ASP B 52 37.10 -17.59 -3.48
C ASP B 52 38.07 -18.00 -2.38
N GLY B 53 38.47 -19.27 -2.35
CA GLY B 53 39.34 -19.76 -1.30
C GLY B 53 40.79 -19.38 -1.45
N ARG B 54 41.17 -18.76 -2.56
CA ARG B 54 42.54 -18.36 -2.82
C ARG B 54 42.71 -16.86 -2.60
N THR B 55 43.97 -16.42 -2.64
CA THR B 55 44.33 -15.03 -2.40
C THR B 55 44.87 -14.40 -3.68
N LEU B 56 44.98 -13.08 -3.66
CA LEU B 56 45.52 -12.35 -4.81
C LEU B 56 46.97 -12.75 -5.06
N SER B 57 47.77 -12.88 -4.00
CA SER B 57 49.16 -13.29 -4.16
C SER B 57 49.30 -14.67 -4.78
N ASP B 58 48.32 -15.55 -4.57
CA ASP B 58 48.40 -16.89 -5.15
C ASP B 58 48.41 -16.82 -6.68
N TYR B 59 47.61 -15.92 -7.25
CA TYR B 59 47.50 -15.77 -8.69
C TYR B 59 48.48 -14.75 -9.26
N ASN B 60 49.36 -14.19 -8.43
CA ASN B 60 50.36 -13.23 -8.86
C ASN B 60 49.70 -11.98 -9.45
N ILE B 61 48.92 -11.31 -8.63
CA ILE B 61 48.25 -10.06 -9.00
C ILE B 61 49.06 -8.92 -8.41
N GLN B 62 49.55 -8.05 -9.28
CA GLN B 62 50.43 -6.95 -8.88
C GLN B 62 49.63 -5.65 -8.77
N LYS B 63 50.33 -4.56 -8.47
CA LYS B 63 49.68 -3.27 -8.32
C LYS B 63 49.07 -2.79 -9.64
N GLU B 64 47.95 -2.10 -9.54
CA GLU B 64 47.27 -1.52 -10.70
C GLU B 64 46.86 -2.60 -11.70
N SER B 65 46.63 -3.82 -11.23
CA SER B 65 46.20 -4.89 -12.10
C SER B 65 44.74 -4.69 -12.51
N THR B 66 44.39 -5.26 -13.66
CA THR B 66 43.04 -5.17 -14.21
C THR B 66 42.36 -6.53 -14.05
N LEU B 67 41.26 -6.55 -13.30
CA LEU B 67 40.48 -7.76 -13.08
C LEU B 67 39.15 -7.65 -13.81
N HIS B 68 38.81 -8.67 -14.58
CA HIS B 68 37.56 -8.71 -15.34
C HIS B 68 36.47 -9.28 -14.44
N LEU B 69 35.71 -8.41 -13.81
CA LEU B 69 34.61 -8.82 -12.94
C LEU B 69 33.38 -9.09 -13.79
N VAL B 70 33.24 -10.33 -14.24
CA VAL B 70 32.03 -10.81 -14.88
C VAL B 70 31.34 -11.72 -13.86
N LEU B 71 30.07 -11.44 -13.59
CA LEU B 71 29.39 -12.10 -12.48
C LEU B 71 29.09 -13.57 -12.79
N ARG B 72 28.89 -14.34 -11.74
CA ARG B 72 28.19 -15.61 -11.81
C ARG B 72 26.80 -15.40 -11.22
N LEU B 73 25.77 -15.72 -12.00
CA LEU B 73 24.50 -15.02 -11.92
C LEU B 73 23.40 -15.90 -11.35
N ARG B 74 22.43 -15.26 -10.71
CA ARG B 74 21.25 -15.94 -10.20
C ARG B 74 20.03 -15.04 -10.37
N GLY B 75 19.02 -15.54 -11.06
CA GLY B 75 17.75 -14.85 -11.19
C GLY B 75 16.63 -15.52 -10.43
N ALA C 10 19.48 -39.12 12.30
CA ALA C 10 19.81 -40.35 11.58
C ALA C 10 19.14 -40.39 10.22
N ARG C 11 18.28 -39.39 9.94
CA ARG C 11 17.55 -39.33 8.68
C ARG C 11 18.35 -38.59 7.61
N ALA C 12 18.69 -37.34 7.88
CA ALA C 12 19.47 -36.52 6.95
C ALA C 12 19.75 -35.19 7.61
N LYS C 13 20.71 -34.46 7.04
CA LYS C 13 21.05 -33.14 7.55
C LYS C 13 19.86 -32.21 7.32
N ALA C 14 19.22 -31.79 8.41
CA ALA C 14 18.02 -30.97 8.29
C ALA C 14 18.36 -29.61 7.72
N LYS C 15 17.62 -29.22 6.69
CA LYS C 15 17.71 -27.88 6.09
C LYS C 15 16.38 -27.18 6.31
N THR C 16 16.42 -26.02 6.94
CA THR C 16 15.20 -25.27 7.19
C THR C 16 14.64 -24.72 5.88
N ARG C 17 13.31 -24.68 5.80
CA ARG C 17 12.67 -24.29 4.56
C ARG C 17 13.04 -22.88 4.14
N SER C 18 13.21 -21.98 5.11
CA SER C 18 13.65 -20.63 4.78
C SER C 18 14.98 -20.67 4.04
N SER C 19 15.93 -21.45 4.54
CA SER C 19 17.21 -21.58 3.85
C SER C 19 17.02 -22.19 2.47
N ARG C 20 16.18 -23.21 2.37
CA ARG C 20 15.94 -23.83 1.08
C ARG C 20 15.42 -22.80 0.08
N ALA C 21 14.62 -21.85 0.54
CA ALA C 21 14.06 -20.82 -0.33
C ALA C 21 14.91 -19.56 -0.37
N GLY C 22 15.97 -19.48 0.43
CA GLY C 22 16.80 -18.29 0.45
C GLY C 22 16.13 -17.07 1.05
N LEU C 23 15.38 -17.25 2.13
CA LEU C 23 14.77 -16.14 2.85
C LEU C 23 15.25 -16.14 4.30
N GLN C 24 15.14 -14.99 4.93
CA GLN C 24 15.44 -14.88 6.36
C GLN C 24 14.20 -15.03 7.22
N PHE C 25 13.01 -14.76 6.69
CA PHE C 25 11.83 -14.90 7.51
C PHE C 25 11.48 -16.38 7.71
N PRO C 26 10.86 -16.71 8.84
CA PRO C 26 10.65 -18.13 9.14
C PRO C 26 9.46 -18.72 8.41
N VAL C 27 9.74 -19.54 7.39
CA VAL C 27 8.66 -20.17 6.64
C VAL C 27 7.84 -21.06 7.55
N GLY C 28 8.52 -21.83 8.40
CA GLY C 28 7.79 -22.72 9.31
C GLY C 28 6.87 -21.96 10.24
N ARG C 29 7.36 -20.87 10.81
CA ARG C 29 6.53 -20.10 11.72
C ARG C 29 5.34 -19.50 11.00
N VAL C 30 5.56 -18.99 9.78
CA VAL C 30 4.43 -18.46 9.01
C VAL C 30 3.41 -19.56 8.73
N HIS C 31 3.88 -20.76 8.39
CA HIS C 31 2.97 -21.86 8.14
C HIS C 31 2.16 -22.20 9.38
N ARG C 32 2.83 -22.25 10.53
CA ARG C 32 2.11 -22.55 11.77
C ARG C 32 1.08 -21.48 12.08
N LEU C 33 1.43 -20.22 11.89
CA LEU C 33 0.48 -19.15 12.13
C LEU C 33 -0.72 -19.25 11.20
N LEU C 34 -0.46 -19.57 9.93
CA LEU C 34 -1.58 -19.72 8.99
C LEU C 34 -2.50 -20.84 9.44
N ARG C 35 -1.93 -21.98 9.82
CA ARG C 35 -2.78 -23.11 10.22
C ARG C 35 -3.54 -22.79 11.49
N LYS C 36 -2.90 -22.16 12.48
CA LYS C 36 -3.53 -21.95 13.77
C LYS C 36 -4.57 -20.83 13.70
N GLY C 37 -4.33 -19.82 12.86
CA GLY C 37 -5.24 -18.69 12.79
C GLY C 37 -6.61 -19.04 12.25
N ASN C 38 -6.79 -20.24 11.70
CA ASN C 38 -8.08 -20.70 11.21
C ASN C 38 -8.57 -19.79 10.07
N TYR C 39 -7.72 -19.63 9.07
CA TYR C 39 -8.05 -18.88 7.88
C TYR C 39 -8.68 -19.74 6.80
N SER C 40 -8.35 -21.02 6.76
CA SER C 40 -8.96 -21.95 5.81
C SER C 40 -8.77 -23.36 6.32
N GLU C 41 -9.58 -24.28 5.80
CA GLU C 41 -9.55 -25.65 6.28
C GLU C 41 -8.19 -26.29 5.99
N ARG C 42 -7.63 -26.01 4.82
CA ARG C 42 -6.34 -26.56 4.44
C ARG C 42 -5.45 -25.42 3.94
N VAL C 43 -4.14 -25.62 4.03
CA VAL C 43 -3.17 -24.62 3.63
C VAL C 43 -2.21 -25.24 2.64
N GLY C 44 -2.02 -24.58 1.51
CA GLY C 44 -1.13 -25.09 0.49
C GLY C 44 0.33 -25.04 0.93
N ALA C 45 1.17 -25.72 0.15
CA ALA C 45 2.58 -25.79 0.50
C ALA C 45 3.29 -24.48 0.22
N GLY C 46 3.00 -23.86 -0.92
CA GLY C 46 3.71 -22.64 -1.31
C GLY C 46 3.19 -21.37 -0.69
N ALA C 47 2.04 -21.42 -0.04
CA ALA C 47 1.47 -20.21 0.56
C ALA C 47 2.39 -19.62 1.62
N PRO C 48 2.89 -20.38 2.60
CA PRO C 48 3.81 -19.77 3.57
C PRO C 48 5.05 -19.21 2.92
N VAL C 49 5.60 -19.89 1.92
CA VAL C 49 6.79 -19.38 1.24
C VAL C 49 6.50 -18.02 0.62
N TYR C 50 5.40 -17.94 -0.12
CA TYR C 50 5.06 -16.70 -0.80
C TYR C 50 4.83 -15.57 0.19
N LEU C 51 4.07 -15.86 1.25
CA LEU C 51 3.77 -14.83 2.24
C LEU C 51 5.04 -14.36 2.93
N ALA C 52 5.93 -15.28 3.27
CA ALA C 52 7.17 -14.91 3.91
C ALA C 52 8.00 -14.03 3.00
N ALA C 53 8.05 -14.37 1.71
CA ALA C 53 8.80 -13.51 0.78
C ALA C 53 8.21 -12.10 0.76
N VAL C 54 6.89 -11.99 0.72
CA VAL C 54 6.27 -10.67 0.67
C VAL C 54 6.61 -9.88 1.93
N LEU C 55 6.48 -10.53 3.09
CA LEU C 55 6.77 -9.83 4.34
C LEU C 55 8.22 -9.39 4.38
N GLU C 56 9.13 -10.25 3.93
CA GLU C 56 10.54 -9.90 3.91
C GLU C 56 10.77 -8.68 3.02
N TYR C 57 10.16 -8.65 1.85
CA TYR C 57 10.33 -7.49 0.98
C TYR C 57 9.83 -6.22 1.65
N LEU C 58 8.63 -6.26 2.22
CA LEU C 58 8.10 -5.03 2.81
C LEU C 58 8.97 -4.56 3.95
N THR C 59 9.41 -5.48 4.81
CA THR C 59 10.28 -5.10 5.91
C THR C 59 11.60 -4.53 5.40
N ALA C 60 12.19 -5.17 4.39
CA ALA C 60 13.45 -4.65 3.86
C ALA C 60 13.26 -3.25 3.31
N GLU C 61 12.18 -3.03 2.57
CA GLU C 61 11.95 -1.71 1.99
C GLU C 61 11.82 -0.66 3.08
N ILE C 62 10.96 -0.89 4.07
CA ILE C 62 10.73 0.13 5.08
C ILE C 62 11.99 0.36 5.91
N LEU C 63 12.71 -0.71 6.26
CA LEU C 63 13.96 -0.54 6.99
C LEU C 63 14.97 0.26 6.17
N GLU C 64 15.05 0.00 4.88
CA GLU C 64 16.00 0.74 4.05
C GLU C 64 15.67 2.23 4.03
N LEU C 65 14.38 2.56 3.87
CA LEU C 65 14.00 3.97 3.89
C LEU C 65 14.31 4.60 5.24
N ALA C 66 14.00 3.90 6.33
CA ALA C 66 14.24 4.46 7.65
C ALA C 66 15.73 4.66 7.91
N GLY C 67 16.55 3.70 7.48
CA GLY C 67 17.99 3.87 7.63
C GLY C 67 18.51 5.03 6.82
N ASN C 68 18.00 5.21 5.60
CA ASN C 68 18.40 6.36 4.80
C ASN C 68 18.05 7.65 5.52
N ALA C 69 16.84 7.74 6.07
CA ALA C 69 16.44 8.96 6.77
C ALA C 69 17.34 9.20 7.99
N ALA C 70 17.60 8.16 8.77
CA ALA C 70 18.43 8.32 9.96
C ALA C 70 19.84 8.77 9.58
N ARG C 71 20.41 8.16 8.54
CA ARG C 71 21.73 8.59 8.07
C ARG C 71 21.71 10.05 7.64
N ASP C 72 20.68 10.44 6.90
CA ASP C 72 20.55 11.85 6.53
C ASP C 72 20.43 12.74 7.75
N ASN C 73 19.93 12.21 8.86
CA ASN C 73 19.86 12.94 10.11
C ASN C 73 21.14 12.80 10.93
N LYS C 74 22.13 12.07 10.41
CA LYS C 74 23.42 11.90 11.08
C LYS C 74 23.25 11.16 12.41
N LYS C 75 22.63 9.98 12.32
CA LYS C 75 22.52 9.08 13.47
C LYS C 75 22.64 7.66 12.97
N THR C 76 23.06 6.77 13.87
CA THR C 76 23.31 5.37 13.54
C THR C 76 22.31 4.41 14.17
N ARG C 77 21.21 4.92 14.70
CA ARG C 77 20.22 4.08 15.36
C ARG C 77 18.82 4.53 14.94
N ILE C 78 18.12 3.66 14.21
CA ILE C 78 16.77 3.98 13.77
C ILE C 78 15.85 4.13 14.98
N ILE C 79 14.90 5.06 14.88
CA ILE C 79 13.94 5.30 15.96
C ILE C 79 12.58 5.61 15.34
N PRO C 80 11.52 5.60 16.13
CA PRO C 80 10.18 5.85 15.55
C PRO C 80 10.11 7.12 14.73
N ARG C 81 10.84 8.17 15.08
CA ARG C 81 10.81 9.37 14.23
C ARG C 81 11.32 9.05 12.83
N HIS C 82 12.43 8.33 12.75
CA HIS C 82 12.95 7.96 11.44
C HIS C 82 11.97 7.07 10.69
N LEU C 83 11.33 6.14 11.40
CA LEU C 83 10.33 5.31 10.73
C LEU C 83 9.20 6.16 10.17
N GLN C 84 8.72 7.13 10.95
CA GLN C 84 7.61 7.96 10.50
C GLN C 84 8.01 8.77 9.27
N LEU C 85 9.21 9.35 9.29
CA LEU C 85 9.66 10.09 8.12
C LEU C 85 9.77 9.17 6.90
N ALA C 86 10.35 7.99 7.09
CA ALA C 86 10.51 7.07 5.97
C ALA C 86 9.17 6.71 5.36
N ILE C 87 8.18 6.44 6.20
CA ILE C 87 6.86 6.11 5.68
C ILE C 87 6.24 7.31 4.99
N ARG C 88 6.05 8.40 5.73
CA ARG C 88 5.24 9.50 5.23
C ARG C 88 5.89 10.23 4.07
N ASN C 89 7.19 10.06 3.84
CA ASN C 89 7.84 10.69 2.69
C ASN C 89 7.69 9.87 1.42
N ASP C 90 7.20 8.64 1.49
CA ASP C 90 7.00 7.80 0.32
C ASP C 90 5.51 7.68 0.05
N GLU C 91 5.10 8.01 -1.16
CA GLU C 91 3.67 8.04 -1.47
C GLU C 91 3.05 6.64 -1.38
N GLU C 92 3.74 5.62 -1.89
CA GLU C 92 3.15 4.28 -1.90
C GLU C 92 3.06 3.70 -0.49
N LEU C 93 4.15 3.79 0.27
CA LEU C 93 4.09 3.31 1.65
C LEU C 93 3.07 4.09 2.44
N ASN C 94 2.98 5.40 2.21
CA ASN C 94 1.97 6.20 2.90
C ASN C 94 0.57 5.72 2.57
N LYS C 95 0.31 5.44 1.30
CA LYS C 95 -1.01 4.95 0.91
C LYS C 95 -1.29 3.60 1.58
N LEU C 96 -0.29 2.73 1.63
CA LEU C 96 -0.48 1.44 2.29
C LEU C 96 -0.77 1.62 3.77
N LEU C 97 -0.11 2.58 4.41
CA LEU C 97 -0.24 2.84 5.84
C LEU C 97 -0.96 4.15 6.09
N GLY C 98 -1.99 4.44 5.30
CA GLY C 98 -2.63 5.74 5.39
C GLY C 98 -3.37 5.97 6.70
N ARG C 99 -3.79 4.90 7.37
CA ARG C 99 -4.62 5.00 8.56
C ARG C 99 -3.95 4.33 9.75
N VAL C 100 -2.66 4.60 9.96
CA VAL C 100 -1.91 4.03 11.07
C VAL C 100 -1.23 5.14 11.84
N THR C 101 -1.21 5.00 13.16
CA THR C 101 -0.55 5.94 14.05
C THR C 101 0.67 5.28 14.65
N ILE C 102 1.81 5.96 14.58
CA ILE C 102 3.07 5.44 15.09
C ILE C 102 3.39 6.19 16.38
N ALA C 103 3.46 5.46 17.48
CA ALA C 103 3.77 6.09 18.76
C ALA C 103 5.12 6.78 18.69
N GLN C 104 5.18 7.99 19.25
CA GLN C 104 6.41 8.78 19.23
C GLN C 104 6.89 9.00 17.81
N GLY C 105 5.95 9.29 16.90
CA GLY C 105 6.29 9.42 15.50
C GLY C 105 6.39 10.84 15.01
N GLY C 106 5.68 11.76 15.67
CA GLY C 106 5.70 13.12 15.19
C GLY C 106 4.99 13.24 13.85
N VAL C 107 5.26 14.35 13.17
CA VAL C 107 4.66 14.64 11.88
C VAL C 107 5.74 15.17 10.95
N LEU C 108 5.45 15.13 9.65
CA LEU C 108 6.37 15.71 8.68
C LEU C 108 6.39 17.23 8.83
N PRO C 109 7.55 17.87 8.80
CA PRO C 109 7.59 19.33 8.91
C PRO C 109 7.14 20.01 7.63
N ASN C 110 5.96 20.60 7.64
CA ASN C 110 5.46 21.35 6.50
C ASN C 110 4.70 22.58 7.00
N ILE C 111 4.75 23.64 6.20
CA ILE C 111 4.01 24.87 6.47
C ILE C 111 3.43 25.37 5.16
N GLN C 112 2.17 25.78 5.18
CA GLN C 112 1.53 26.25 3.96
C GLN C 112 2.14 27.58 3.54
N ALA C 113 2.34 27.75 2.23
CA ALA C 113 3.04 28.92 1.73
C ALA C 113 2.35 30.22 2.13
N VAL C 114 1.03 30.20 2.34
CA VAL C 114 0.32 31.42 2.69
C VAL C 114 0.83 31.99 4.00
N LEU C 115 1.17 31.12 4.95
CA LEU C 115 1.53 31.59 6.29
C LEU C 115 2.91 32.21 6.32
N LEU C 116 3.81 31.79 5.44
CA LEU C 116 5.17 32.31 5.49
C LEU C 116 5.18 33.81 5.24
N PRO C 117 5.98 34.58 5.98
CA PRO C 117 6.03 36.02 5.75
C PRO C 117 6.71 36.36 4.43
N LYS C 118 6.33 37.50 3.87
CA LYS C 118 6.90 37.97 2.61
C LYS C 118 6.57 39.44 2.38
N ARG D 31 7.21 -17.18 32.73
CA ARG D 31 8.14 -17.96 31.94
C ARG D 31 7.54 -18.33 30.58
N SER D 32 6.29 -17.95 30.37
CA SER D 32 5.62 -18.29 29.12
C SER D 32 6.36 -17.71 27.93
N ARG D 33 6.58 -18.54 26.92
CA ARG D 33 7.27 -18.10 25.71
C ARG D 33 6.39 -17.11 24.94
N LYS D 34 7.02 -16.09 24.37
CA LYS D 34 6.32 -15.08 23.60
C LYS D 34 6.89 -15.03 22.19
N GLU D 35 6.03 -14.72 21.22
CA GLU D 35 6.39 -14.78 19.81
C GLU D 35 6.62 -13.37 19.25
N SER D 36 7.71 -13.22 18.51
CA SER D 36 8.03 -11.95 17.88
C SER D 36 8.93 -12.20 16.68
N TYR D 37 9.07 -11.18 15.85
CA TYR D 37 9.89 -11.24 14.64
C TYR D 37 11.19 -10.46 14.79
N SER D 38 11.60 -10.18 16.03
CA SER D 38 12.74 -9.29 16.25
C SER D 38 14.00 -9.83 15.58
N VAL D 39 14.26 -11.12 15.72
CA VAL D 39 15.49 -11.69 15.17
C VAL D 39 15.54 -11.48 13.66
N TYR D 40 14.43 -11.75 12.98
CA TYR D 40 14.42 -11.66 11.53
C TYR D 40 14.47 -10.22 11.06
N VAL D 41 13.77 -9.32 11.75
CA VAL D 41 13.87 -7.91 11.42
C VAL D 41 15.30 -7.44 11.54
N TYR D 42 15.98 -7.88 12.60
CA TYR D 42 17.38 -7.48 12.81
C TYR D 42 18.27 -8.05 11.72
N LYS D 43 18.03 -9.30 11.32
CA LYS D 43 18.81 -9.90 10.24
C LYS D 43 18.64 -9.10 8.96
N VAL D 44 17.40 -8.72 8.63
CA VAL D 44 17.17 -7.92 7.43
C VAL D 44 17.84 -6.57 7.55
N LEU D 45 17.81 -5.98 8.74
CA LEU D 45 18.42 -4.68 8.95
C LEU D 45 19.91 -4.73 8.63
N LYS D 46 20.63 -5.69 9.21
CA LYS D 46 22.04 -5.83 8.88
C LYS D 46 22.28 -6.40 7.49
N GLN D 47 21.24 -6.93 6.83
CA GLN D 47 21.39 -7.29 5.43
C GLN D 47 21.41 -6.06 4.54
N VAL D 48 20.58 -5.07 4.84
CA VAL D 48 20.44 -3.90 3.97
C VAL D 48 21.43 -2.79 4.36
N HIS D 49 21.53 -2.47 5.64
CA HIS D 49 22.49 -1.48 6.13
C HIS D 49 23.47 -2.18 7.05
N PRO D 50 24.69 -2.47 6.60
CA PRO D 50 25.58 -3.33 7.39
C PRO D 50 25.95 -2.78 8.75
N ASP D 51 25.86 -1.47 8.96
CA ASP D 51 26.39 -0.83 10.16
C ASP D 51 25.40 0.15 10.76
N THR D 52 24.15 -0.29 10.95
CA THR D 52 23.12 0.52 11.56
C THR D 52 22.39 -0.29 12.61
N GLY D 53 22.13 0.33 13.76
CA GLY D 53 21.38 -0.29 14.83
C GLY D 53 19.90 -0.01 14.71
N ILE D 54 19.16 -0.39 15.75
CA ILE D 54 17.73 -0.15 15.80
C ILE D 54 17.25 -0.19 17.23
N SER D 55 16.45 0.79 17.63
CA SER D 55 16.02 0.92 19.01
C SER D 55 14.97 -0.14 19.35
N SER D 56 14.76 -0.34 20.64
CA SER D 56 13.78 -1.31 21.09
C SER D 56 12.36 -0.89 20.68
N LYS D 57 12.05 0.40 20.82
CA LYS D 57 10.74 0.88 20.39
C LYS D 57 10.56 0.68 18.89
N ALA D 58 11.63 0.93 18.12
CA ALA D 58 11.55 0.67 16.68
C ALA D 58 11.29 -0.80 16.41
N MET D 59 11.95 -1.70 17.15
CA MET D 59 11.69 -3.12 16.97
C MET D 59 10.24 -3.46 17.28
N GLY D 60 9.69 -2.87 18.33
CA GLY D 60 8.29 -3.11 18.64
C GLY D 60 7.37 -2.63 17.53
N ILE D 61 7.65 -1.45 16.98
CA ILE D 61 6.83 -0.94 15.89
C ILE D 61 6.91 -1.86 14.69
N MET D 62 8.12 -2.35 14.36
CA MET D 62 8.24 -3.25 13.23
C MET D 62 7.52 -4.57 13.47
N ASN D 63 7.56 -5.08 14.70
CA ASN D 63 6.79 -6.28 15.01
C ASN D 63 5.32 -6.05 14.76
N SER D 64 4.79 -4.93 15.24
CA SER D 64 3.38 -4.63 15.03
C SER D 64 3.08 -4.51 13.55
N PHE D 65 3.96 -3.86 12.79
CA PHE D 65 3.72 -3.69 11.36
C PHE D 65 3.70 -5.03 10.63
N VAL D 66 4.64 -5.91 10.95
CA VAL D 66 4.66 -7.22 10.31
C VAL D 66 3.41 -8.00 10.66
N ASN D 67 3.00 -7.97 11.93
CA ASN D 67 1.78 -8.66 12.31
C ASN D 67 0.57 -8.11 11.55
N ASP D 68 0.50 -6.79 11.42
CA ASP D 68 -0.64 -6.19 10.74
C ASP D 68 -0.69 -6.59 9.27
N ILE D 69 0.45 -6.54 8.59
CA ILE D 69 0.46 -6.91 7.17
C ILE D 69 0.11 -8.39 7.01
N PHE D 70 0.67 -9.25 7.87
CA PHE D 70 0.34 -10.66 7.81
C PHE D 70 -1.15 -10.87 7.98
N GLU D 71 -1.75 -10.18 8.96
CA GLU D 71 -3.19 -10.33 9.20
C GLU D 71 -3.98 -9.88 7.99
N ARG D 72 -3.64 -8.74 7.41
CA ARG D 72 -4.37 -8.26 6.25
C ARG D 72 -4.33 -9.27 5.11
N ILE D 73 -3.13 -9.73 4.77
CA ILE D 73 -3.00 -10.62 3.62
C ILE D 73 -3.69 -11.95 3.89
N ALA D 74 -3.54 -12.50 5.10
CA ALA D 74 -4.20 -13.76 5.40
C ALA D 74 -5.71 -13.62 5.34
N GLY D 75 -6.25 -12.53 5.90
CA GLY D 75 -7.68 -12.33 5.84
C GLY D 75 -8.19 -12.23 4.42
N GLU D 76 -7.49 -11.47 3.58
CA GLU D 76 -7.92 -11.34 2.19
C GLU D 76 -7.85 -12.68 1.47
N ALA D 77 -6.80 -13.46 1.71
CA ALA D 77 -6.69 -14.76 1.06
C ALA D 77 -7.80 -15.68 1.49
N SER D 78 -8.13 -15.69 2.78
CA SER D 78 -9.23 -16.52 3.26
C SER D 78 -10.54 -16.10 2.62
N ARG D 79 -10.75 -14.79 2.51
CA ARG D 79 -11.97 -14.31 1.88
C ARG D 79 -12.05 -14.76 0.43
N LEU D 80 -10.92 -14.70 -0.29
CA LEU D 80 -10.91 -15.17 -1.67
C LEU D 80 -11.24 -16.65 -1.75
N ALA D 81 -10.64 -17.46 -0.88
CA ALA D 81 -10.92 -18.88 -0.89
C ALA D 81 -12.40 -19.14 -0.63
N HIS D 82 -12.97 -18.44 0.34
CA HIS D 82 -14.40 -18.61 0.60
C HIS D 82 -15.23 -18.22 -0.61
N TYR D 83 -14.87 -17.11 -1.25
CA TYR D 83 -15.54 -16.70 -2.49
C TYR D 83 -15.57 -17.84 -3.50
N ASN D 84 -14.41 -18.34 -3.88
CA ASN D 84 -14.36 -19.35 -4.93
C ASN D 84 -14.80 -20.73 -4.45
N LYS D 85 -15.41 -20.84 -3.28
CA LYS D 85 -15.91 -22.11 -2.77
C LYS D 85 -14.80 -23.14 -2.68
N ARG D 86 -13.56 -22.69 -2.58
CA ARG D 86 -12.43 -23.58 -2.39
C ARG D 86 -12.24 -23.86 -0.90
N SER D 87 -11.29 -24.74 -0.60
CA SER D 87 -11.01 -25.13 0.77
C SER D 87 -9.55 -25.00 1.15
N THR D 88 -8.68 -24.58 0.22
CA THR D 88 -7.26 -24.49 0.49
C THR D 88 -6.73 -23.13 0.06
N ILE D 89 -5.71 -22.67 0.75
CA ILE D 89 -5.06 -21.39 0.47
C ILE D 89 -3.74 -21.71 -0.22
N THR D 90 -3.74 -21.74 -1.54
CA THR D 90 -2.52 -21.98 -2.30
C THR D 90 -1.90 -20.66 -2.71
N SER D 91 -0.79 -20.75 -3.45
CA SER D 91 -0.03 -19.55 -3.77
C SER D 91 -0.87 -18.53 -4.54
N ARG D 92 -1.83 -19.00 -5.32
CA ARG D 92 -2.61 -18.08 -6.15
C ARG D 92 -3.43 -17.11 -5.29
N GLU D 93 -4.02 -17.61 -4.21
CA GLU D 93 -4.80 -16.73 -3.35
C GLU D 93 -3.92 -15.66 -2.73
N ILE D 94 -2.71 -16.01 -2.28
CA ILE D 94 -1.84 -15.00 -1.72
C ILE D 94 -1.41 -14.02 -2.81
N GLN D 95 -1.10 -14.53 -4.00
CA GLN D 95 -0.84 -13.67 -5.16
C GLN D 95 -1.90 -12.60 -5.27
N THR D 96 -3.16 -13.02 -5.39
CA THR D 96 -4.22 -12.06 -5.66
C THR D 96 -4.44 -11.14 -4.47
N ALA D 97 -4.32 -11.66 -3.25
CA ALA D 97 -4.50 -10.82 -2.08
C ALA D 97 -3.45 -9.72 -2.04
N VAL D 98 -2.20 -10.07 -2.35
CA VAL D 98 -1.15 -9.05 -2.41
C VAL D 98 -1.46 -8.05 -3.51
N ARG D 99 -1.87 -8.54 -4.67
CA ARG D 99 -2.21 -7.64 -5.77
C ARG D 99 -3.31 -6.67 -5.36
N LEU D 100 -4.23 -7.11 -4.52
CA LEU D 100 -5.31 -6.23 -4.10
C LEU D 100 -4.84 -5.23 -3.04
N LEU D 101 -4.00 -5.67 -2.09
CA LEU D 101 -3.59 -4.78 -1.02
C LEU D 101 -2.53 -3.79 -1.48
N LEU D 102 -1.37 -4.27 -1.88
CA LEU D 102 -0.25 -3.38 -2.15
C LEU D 102 -0.54 -2.54 -3.40
N PRO D 103 -0.23 -1.24 -3.38
CA PRO D 103 -0.49 -0.41 -4.55
C PRO D 103 0.65 -0.32 -5.54
N GLY D 104 0.36 -0.59 -6.81
CA GLY D 104 1.30 -0.25 -7.87
C GLY D 104 2.65 -0.93 -7.72
N GLU D 105 3.70 -0.11 -7.82
CA GLU D 105 5.05 -0.65 -7.88
C GLU D 105 5.35 -1.57 -6.72
N LEU D 106 4.83 -1.26 -5.53
CA LEU D 106 5.00 -2.16 -4.41
C LEU D 106 4.44 -3.53 -4.75
N ALA D 107 3.22 -3.56 -5.30
CA ALA D 107 2.62 -4.83 -5.66
C ALA D 107 3.46 -5.56 -6.70
N LYS D 108 3.93 -4.84 -7.73
CA LYS D 108 4.70 -5.48 -8.77
C LYS D 108 5.96 -6.13 -8.21
N HIS D 109 6.73 -5.36 -7.43
CA HIS D 109 7.97 -5.90 -6.89
C HIS D 109 7.69 -7.06 -5.95
N ALA D 110 6.66 -6.94 -5.12
CA ALA D 110 6.35 -8.01 -4.18
C ALA D 110 6.00 -9.30 -4.89
N VAL D 111 5.15 -9.22 -5.93
CA VAL D 111 4.80 -10.43 -6.65
C VAL D 111 6.04 -11.01 -7.31
N SER D 112 6.89 -10.15 -7.87
CA SER D 112 8.10 -10.64 -8.50
C SER D 112 8.92 -11.47 -7.53
N GLU D 113 9.25 -10.90 -6.36
CA GLU D 113 10.14 -11.62 -5.45
C GLU D 113 9.46 -12.83 -4.85
N GLY D 114 8.16 -12.75 -4.57
CA GLY D 114 7.48 -13.91 -4.04
C GLY D 114 7.48 -15.07 -5.02
N THR D 115 7.20 -14.78 -6.29
CA THR D 115 7.28 -15.84 -7.30
C THR D 115 8.68 -16.39 -7.40
N LYS D 116 9.68 -15.51 -7.38
CA LYS D 116 11.06 -15.98 -7.37
C LYS D 116 11.27 -16.99 -6.24
N ALA D 117 10.82 -16.63 -5.04
CA ALA D 117 11.05 -17.48 -3.89
C ALA D 117 10.34 -18.82 -4.05
N VAL D 118 9.10 -18.81 -4.55
CA VAL D 118 8.36 -20.07 -4.62
C VAL D 118 8.96 -20.98 -5.68
N THR D 119 9.38 -20.42 -6.81
CA THR D 119 10.06 -21.26 -7.80
C THR D 119 11.37 -21.81 -7.25
N CYS D 120 12.13 -20.99 -6.53
CA CYS D 120 13.36 -21.52 -5.94
C CYS D 120 13.06 -22.66 -4.99
N TYR D 121 12.05 -22.50 -4.14
CA TYR D 121 11.70 -23.55 -3.20
C TYR D 121 11.31 -24.83 -3.94
N THR D 122 10.38 -24.74 -4.88
CA THR D 122 9.93 -25.94 -5.56
C THR D 122 11.06 -26.60 -6.32
N SER D 123 11.98 -25.82 -6.90
CA SER D 123 13.14 -26.41 -7.54
C SER D 123 14.00 -27.16 -6.52
N ALA D 124 14.17 -26.58 -5.33
CA ALA D 124 14.94 -27.23 -4.28
C ALA D 124 14.33 -28.59 -3.94
N PRO E 38 12.77 48.19 24.46
CA PRO E 38 13.62 47.02 24.26
C PRO E 38 13.23 46.22 23.03
N HIS E 39 13.92 45.11 22.80
CA HIS E 39 13.63 44.27 21.64
C HIS E 39 12.21 43.73 21.73
N ARG E 40 11.53 43.68 20.58
CA ARG E 40 10.14 43.24 20.53
C ARG E 40 9.88 42.61 19.17
N TYR E 41 9.46 41.35 19.17
CA TYR E 41 9.14 40.66 17.93
C TYR E 41 7.76 41.06 17.45
N ARG E 42 7.63 41.26 16.14
CA ARG E 42 6.32 41.51 15.57
C ARG E 42 5.48 40.23 15.68
N PRO E 43 4.18 40.36 15.96
CA PRO E 43 3.36 39.16 16.16
C PRO E 43 3.43 38.23 14.95
N GLY E 44 3.57 36.94 15.22
CA GLY E 44 3.60 35.93 14.17
C GLY E 44 4.90 35.17 14.09
N THR E 45 6.03 35.87 14.22
CA THR E 45 7.32 35.20 14.08
C THR E 45 7.54 34.17 15.19
N VAL E 46 7.13 34.50 16.42
CA VAL E 46 7.22 33.52 17.50
C VAL E 46 6.34 32.32 17.19
N ALA E 47 5.19 32.56 16.55
CA ALA E 47 4.34 31.45 16.14
C ALA E 47 5.06 30.56 15.13
N LEU E 48 5.75 31.16 14.16
CA LEU E 48 6.49 30.36 13.20
C LEU E 48 7.56 29.54 13.90
N ARG E 49 8.28 30.15 14.84
CA ARG E 49 9.31 29.41 15.55
C ARG E 49 8.70 28.26 16.36
N GLU E 50 7.55 28.50 16.98
CA GLU E 50 6.89 27.44 17.72
C GLU E 50 6.49 26.28 16.81
N ILE E 51 5.94 26.60 15.64
CA ILE E 51 5.61 25.56 14.68
C ILE E 51 6.85 24.77 14.30
N ARG E 52 7.95 25.47 14.02
CA ARG E 52 9.15 24.78 13.60
C ARG E 52 9.68 23.85 14.69
N ARG E 53 9.65 24.30 15.94
CA ARG E 53 10.18 23.45 17.01
C ARG E 53 9.26 22.26 17.26
N TYR E 54 7.94 22.48 17.29
CA TYR E 54 7.04 21.40 17.64
C TYR E 54 6.87 20.39 16.51
N GLN E 55 7.01 20.82 15.26
CA GLN E 55 6.95 19.88 14.15
C GLN E 55 8.22 19.07 14.01
N LYS E 56 9.23 19.31 14.86
CA LYS E 56 10.47 18.57 14.81
C LYS E 56 10.59 17.56 15.95
N SER E 57 10.04 17.86 17.11
CA SER E 57 10.09 16.95 18.26
C SER E 57 8.89 16.02 18.25
N THR E 58 8.90 15.07 19.17
CA THR E 58 7.85 14.06 19.25
C THR E 58 7.46 13.75 20.69
N GLU E 59 7.75 14.65 21.61
CA GLU E 59 7.36 14.43 23.00
C GLU E 59 5.84 14.52 23.11
N LEU E 60 5.32 14.33 24.31
CA LEU E 60 3.89 14.45 24.56
C LEU E 60 3.55 15.90 24.89
N LEU E 61 2.47 16.40 24.30
CA LEU E 61 2.09 17.80 24.44
C LEU E 61 0.97 18.02 25.44
N ILE E 62 0.61 17.00 26.21
CA ILE E 62 -0.38 17.13 27.27
C ILE E 62 0.21 16.59 28.55
N ARG E 63 -0.28 17.09 29.67
CA ARG E 63 0.28 16.73 30.96
C ARG E 63 -0.29 15.40 31.46
N LYS E 64 0.61 14.51 31.87
CA LYS E 64 0.25 13.11 32.07
C LYS E 64 -0.81 12.96 33.15
N LEU E 65 -0.60 13.57 34.31
CA LEU E 65 -1.54 13.39 35.42
C LEU E 65 -2.92 13.90 35.09
N PRO E 66 -3.11 15.13 34.60
CA PRO E 66 -4.47 15.55 34.24
C PRO E 66 -5.08 14.71 33.15
N PHE E 67 -4.30 14.26 32.16
CA PHE E 67 -4.89 13.38 31.16
C PHE E 67 -5.37 12.09 31.79
N GLN E 68 -4.58 11.52 32.70
CA GLN E 68 -5.00 10.30 33.37
C GLN E 68 -6.27 10.53 34.17
N ARG E 69 -6.35 11.65 34.85
CA ARG E 69 -7.56 11.95 35.62
C ARG E 69 -8.76 12.06 34.70
N LEU E 70 -8.59 12.69 33.54
CA LEU E 70 -9.68 12.78 32.58
C LEU E 70 -10.12 11.39 32.14
N VAL E 71 -9.16 10.53 31.82
CA VAL E 71 -9.50 9.19 31.35
C VAL E 71 -10.27 8.44 32.42
N ARG E 72 -9.81 8.52 33.67
CA ARG E 72 -10.49 7.81 34.75
C ARG E 72 -11.89 8.36 34.96
N GLU E 73 -12.05 9.69 34.89
CA GLU E 73 -13.36 10.28 35.07
C GLU E 73 -14.32 9.82 33.98
N ILE E 74 -13.85 9.78 32.74
CA ILE E 74 -14.70 9.30 31.66
C ILE E 74 -15.07 7.84 31.87
N ALA E 75 -14.09 7.02 32.24
CA ALA E 75 -14.34 5.59 32.36
C ALA E 75 -15.28 5.26 33.50
N GLN E 76 -15.25 6.03 34.58
CA GLN E 76 -16.05 5.66 35.75
C GLN E 76 -17.55 5.67 35.46
N ASP E 77 -17.99 6.30 34.38
CA ASP E 77 -19.40 6.26 34.03
C ASP E 77 -19.86 4.87 33.62
N PHE E 78 -19.07 4.18 32.80
CA PHE E 78 -19.51 2.88 32.28
C PHE E 78 -19.53 1.83 33.37
N LYS E 79 -18.37 1.54 33.96
CA LYS E 79 -18.29 0.63 35.09
C LYS E 79 -17.38 1.27 36.13
N THR E 80 -17.63 0.94 37.40
CA THR E 80 -16.97 1.61 38.51
C THR E 80 -15.64 0.96 38.85
N ASP E 81 -14.77 1.76 39.47
CA ASP E 81 -13.55 1.30 40.13
C ASP E 81 -12.70 0.38 39.24
N LEU E 82 -12.54 0.78 37.98
CA LEU E 82 -11.59 0.08 37.12
C LEU E 82 -10.16 0.47 37.46
N ARG E 83 -9.23 -0.35 37.00
CA ARG E 83 -7.82 -0.04 37.03
C ARG E 83 -7.28 0.03 35.61
N PHE E 84 -6.29 0.90 35.39
CA PHE E 84 -5.71 1.11 34.09
C PHE E 84 -4.22 0.79 34.14
N GLN E 85 -3.73 0.13 33.10
CA GLN E 85 -2.30 -0.04 32.94
C GLN E 85 -1.68 1.25 32.43
N SER E 86 -0.51 1.59 32.98
CA SER E 86 0.18 2.79 32.53
C SER E 86 0.40 2.75 31.03
N SER E 87 0.70 1.58 30.49
CA SER E 87 0.85 1.46 29.05
C SER E 87 -0.46 1.76 28.33
N ALA E 88 -1.58 1.32 28.90
CA ALA E 88 -2.87 1.63 28.28
C ALA E 88 -3.12 3.12 28.25
N VAL E 89 -2.85 3.81 29.36
CA VAL E 89 -3.08 5.25 29.38
C VAL E 89 -2.14 5.95 28.41
N MET E 90 -0.90 5.46 28.29
CA MET E 90 0.03 6.05 27.33
C MET E 90 -0.49 5.87 25.91
N ALA E 91 -1.03 4.69 25.60
CA ALA E 91 -1.60 4.48 24.28
C ALA E 91 -2.76 5.42 24.03
N LEU E 92 -3.59 5.64 25.04
CA LEU E 92 -4.68 6.59 24.87
C LEU E 92 -4.16 7.98 24.57
N GLN E 93 -3.11 8.43 25.28
CA GLN E 93 -2.55 9.74 24.97
C GLN E 93 -2.03 9.80 23.54
N GLU E 94 -1.30 8.77 23.11
CA GLU E 94 -0.74 8.81 21.77
C GLU E 94 -1.85 8.91 20.73
N ALA E 95 -2.90 8.10 20.88
CA ALA E 95 -4.00 8.14 19.93
C ALA E 95 -4.67 9.50 19.93
N SER E 96 -4.92 10.06 21.12
CA SER E 96 -5.62 11.34 21.20
C SER E 96 -4.80 12.44 20.55
N GLU E 97 -3.50 12.49 20.82
CA GLU E 97 -2.67 13.52 20.23
C GLU E 97 -2.63 13.38 18.72
N ALA E 98 -2.50 12.15 18.21
CA ALA E 98 -2.48 11.99 16.75
C ALA E 98 -3.80 12.47 16.14
N TYR E 99 -4.92 12.08 16.75
CA TYR E 99 -6.23 12.48 16.23
C TYR E 99 -6.37 13.99 16.22
N LEU E 100 -6.03 14.64 17.34
CA LEU E 100 -6.20 16.08 17.41
C LEU E 100 -5.28 16.79 16.42
N VAL E 101 -4.05 16.30 16.25
CA VAL E 101 -3.14 16.94 15.31
C VAL E 101 -3.68 16.83 13.89
N GLY E 102 -4.18 15.66 13.50
CA GLY E 102 -4.78 15.52 12.18
C GLY E 102 -5.98 16.45 12.01
N LEU E 103 -6.85 16.49 13.01
CA LEU E 103 -7.99 17.38 12.96
C LEU E 103 -7.56 18.82 12.78
N PHE E 104 -6.46 19.22 13.43
CA PHE E 104 -6.02 20.60 13.32
C PHE E 104 -5.40 20.90 11.97
N GLU E 105 -4.70 19.93 11.38
CA GLU E 105 -4.25 20.12 9.99
C GLU E 105 -5.45 20.37 9.08
N ASP E 106 -6.49 19.55 9.22
CA ASP E 106 -7.65 19.70 8.34
C ASP E 106 -8.36 21.02 8.58
N THR E 107 -8.53 21.43 9.84
CA THR E 107 -9.22 22.69 10.10
C THR E 107 -8.37 23.87 9.65
N ASN E 108 -7.04 23.75 9.70
CA ASN E 108 -6.19 24.79 9.14
C ASN E 108 -6.39 24.90 7.64
N LEU E 109 -6.48 23.77 6.95
CA LEU E 109 -6.76 23.81 5.52
C LEU E 109 -8.09 24.51 5.26
N SER E 110 -9.10 24.19 6.06
CA SER E 110 -10.39 24.87 5.90
C SER E 110 -10.24 26.38 6.08
N ALA E 111 -9.55 26.79 7.13
CA ALA E 111 -9.41 28.21 7.41
C ALA E 111 -8.72 28.92 6.25
N ILE E 112 -7.64 28.34 5.73
CA ILE E 112 -6.98 28.94 4.57
C ILE E 112 -7.93 28.98 3.38
N HIS E 113 -8.77 27.95 3.24
CA HIS E 113 -9.74 27.96 2.16
C HIS E 113 -10.66 29.15 2.26
N ALA E 114 -11.09 29.49 3.47
CA ALA E 114 -11.97 30.64 3.67
C ALA E 114 -11.24 31.97 3.54
N LYS E 115 -9.99 31.98 3.09
CA LYS E 115 -9.20 33.20 2.99
C LYS E 115 -9.02 33.84 4.35
N ARG E 116 -8.52 33.06 5.30
CA ARG E 116 -8.20 33.53 6.64
C ARG E 116 -6.92 32.86 7.09
N VAL E 117 -6.51 33.16 8.32
CA VAL E 117 -5.37 32.48 8.92
C VAL E 117 -5.72 32.04 10.34
N THR E 118 -6.87 32.47 10.84
CA THR E 118 -7.29 32.17 12.21
C THR E 118 -8.38 31.11 12.19
N ILE E 119 -8.04 29.91 12.67
CA ILE E 119 -9.02 28.84 12.73
C ILE E 119 -10.16 29.24 13.65
N MET E 120 -11.33 28.64 13.43
CA MET E 120 -12.53 28.97 14.17
C MET E 120 -13.38 27.72 14.36
N PRO E 121 -14.31 27.73 15.32
CA PRO E 121 -15.20 26.59 15.47
C PRO E 121 -15.96 26.26 14.20
N LYS E 122 -16.25 27.25 13.36
CA LYS E 122 -16.83 26.94 12.06
C LYS E 122 -15.92 25.99 11.30
N ASP E 123 -14.62 26.28 11.29
CA ASP E 123 -13.68 25.41 10.59
C ASP E 123 -13.66 24.02 11.21
N ILE E 124 -13.64 23.95 12.55
CA ILE E 124 -13.59 22.65 13.21
C ILE E 124 -14.81 21.82 12.81
N GLN E 125 -16.00 22.42 12.89
CA GLN E 125 -17.21 21.68 12.58
C GLN E 125 -17.26 21.31 11.10
N LEU E 126 -16.77 22.17 10.20
CA LEU E 126 -16.74 21.81 8.80
C LEU E 126 -15.87 20.59 8.58
N ALA E 127 -14.68 20.57 9.19
CA ALA E 127 -13.80 19.43 9.03
C ALA E 127 -14.45 18.17 9.58
N ARG E 128 -15.05 18.25 10.76
CA ARG E 128 -15.71 17.09 11.33
C ARG E 128 -16.82 16.58 10.42
N ARG E 129 -17.63 17.49 9.87
CA ARG E 129 -18.73 17.08 9.02
C ARG E 129 -18.24 16.41 7.75
N ILE E 130 -17.22 16.98 7.11
CA ILE E 130 -16.74 16.41 5.86
C ILE E 130 -16.13 15.04 6.11
N ARG E 131 -15.35 14.90 7.19
CA ARG E 131 -14.79 13.58 7.45
C ARG E 131 -15.82 12.58 7.94
N GLY E 132 -17.11 12.93 7.96
CA GLY E 132 -18.13 11.96 8.30
C GLY E 132 -18.23 11.61 9.75
N GLU E 133 -17.74 12.47 10.64
CA GLU E 133 -17.82 12.22 12.08
C GLU E 133 -19.06 12.82 12.71
N ARG E 134 -19.93 13.44 11.91
CA ARG E 134 -21.11 14.10 12.44
C ARG E 134 -22.17 14.29 11.35
N ARG F 23 -14.28 14.77 39.22
CA ARG F 23 -15.34 15.59 38.63
C ARG F 23 -14.77 16.87 38.03
N ASP F 24 -15.20 17.18 36.81
CA ASP F 24 -14.77 18.38 36.09
C ASP F 24 -13.26 18.41 35.91
N ASN F 25 -12.75 17.40 35.20
CA ASN F 25 -11.33 17.29 34.91
C ASN F 25 -11.02 17.55 33.44
N ILE F 26 -12.03 17.87 32.64
CA ILE F 26 -11.75 18.26 31.25
C ILE F 26 -10.89 19.51 31.23
N GLN F 27 -10.99 20.36 32.25
CA GLN F 27 -10.16 21.55 32.32
C GLN F 27 -8.69 21.20 32.37
N GLY F 28 -8.33 19.97 32.73
CA GLY F 28 -6.94 19.58 32.76
C GLY F 28 -6.27 19.78 31.41
N ILE F 29 -7.04 19.73 30.33
CA ILE F 29 -6.50 20.02 29.01
C ILE F 29 -6.40 21.53 28.89
N THR F 30 -5.23 22.07 29.17
CA THR F 30 -5.08 23.49 29.37
C THR F 30 -4.94 24.23 28.04
N LYS F 31 -5.21 25.53 28.11
CA LYS F 31 -5.12 26.36 26.92
C LYS F 31 -3.76 26.26 26.25
N PRO F 32 -2.63 26.42 26.93
CA PRO F 32 -1.34 26.28 26.26
C PRO F 32 -1.11 24.91 25.66
N ALA F 33 -1.63 23.85 26.30
CA ALA F 33 -1.50 22.51 25.72
C ALA F 33 -2.22 22.46 24.38
N ILE F 34 -3.44 22.98 24.33
CA ILE F 34 -4.17 23.02 23.06
C ILE F 34 -3.42 23.85 22.04
N ARG F 35 -2.86 24.99 22.47
CA ARG F 35 -2.16 25.85 21.54
C ARG F 35 -0.95 25.13 20.93
N ARG F 36 -0.20 24.39 21.74
CA ARG F 36 0.97 23.72 21.17
C ARG F 36 0.56 22.52 20.32
N LEU F 37 -0.55 21.86 20.66
CA LEU F 37 -1.07 20.84 19.76
C LEU F 37 -1.38 21.45 18.39
N ALA F 38 -2.12 22.56 18.39
CA ALA F 38 -2.44 23.21 17.13
C ALA F 38 -1.18 23.68 16.42
N ARG F 39 -0.16 24.10 17.17
CA ARG F 39 1.09 24.49 16.56
C ARG F 39 1.73 23.33 15.82
N ARG F 40 1.82 22.18 16.47
CA ARG F 40 2.29 21.00 15.75
C ARG F 40 1.43 20.76 14.52
N GLY F 41 0.13 21.05 14.61
CA GLY F 41 -0.73 20.93 13.47
C GLY F 41 -0.30 21.83 12.32
N GLY F 42 0.05 23.07 12.63
CA GLY F 42 0.53 24.01 11.62
C GLY F 42 -0.32 25.25 11.46
N VAL F 43 -0.97 25.71 12.53
CA VAL F 43 -1.76 26.94 12.49
C VAL F 43 -0.92 28.08 13.03
N LYS F 44 -1.13 29.27 12.49
CA LYS F 44 -0.38 30.44 12.93
C LYS F 44 -1.01 31.06 14.18
N ARG F 45 -2.28 31.48 14.08
CA ARG F 45 -2.98 32.06 15.21
C ARG F 45 -4.32 31.36 15.39
N ILE F 46 -4.81 31.40 16.62
CA ILE F 46 -5.93 30.57 17.06
C ILE F 46 -7.01 31.47 17.65
N SER F 47 -8.24 31.31 17.19
CA SER F 47 -9.34 32.08 17.73
C SER F 47 -9.57 31.71 19.19
N GLY F 48 -10.28 32.60 19.89
CA GLY F 48 -10.48 32.43 21.32
C GLY F 48 -11.46 31.33 21.68
N LEU F 49 -12.36 30.98 20.77
CA LEU F 49 -13.38 29.99 21.05
C LEU F 49 -12.93 28.57 20.73
N ILE F 50 -11.76 28.39 20.12
CA ILE F 50 -11.34 27.06 19.70
C ILE F 50 -11.19 26.13 20.88
N TYR F 51 -10.84 26.65 22.06
CA TYR F 51 -10.47 25.78 23.15
C TYR F 51 -11.66 24.96 23.64
N GLU F 52 -12.80 25.60 23.85
CA GLU F 52 -13.98 24.85 24.29
C GLU F 52 -14.37 23.80 23.27
N GLU F 53 -14.37 24.17 21.98
CA GLU F 53 -14.77 23.23 20.94
C GLU F 53 -13.84 22.02 20.92
N THR F 54 -12.53 22.27 21.00
CA THR F 54 -11.60 21.14 20.89
C THR F 54 -11.63 20.27 22.12
N ARG F 55 -11.83 20.84 23.31
CA ARG F 55 -11.93 19.97 24.48
C ARG F 55 -13.28 19.30 24.57
N GLY F 56 -14.26 19.71 23.77
CA GLY F 56 -15.45 18.90 23.62
C GLY F 56 -15.22 17.74 22.66
N VAL F 57 -14.54 18.04 21.56
CA VAL F 57 -14.23 16.99 20.58
C VAL F 57 -13.39 15.89 21.23
N LEU F 58 -12.39 16.29 22.02
CA LEU F 58 -11.55 15.30 22.67
C LEU F 58 -12.36 14.44 23.60
N LYS F 59 -13.29 15.03 24.35
CA LYS F 59 -14.12 14.25 25.25
C LYS F 59 -14.96 13.24 24.47
N VAL F 60 -15.52 13.67 23.33
CA VAL F 60 -16.31 12.74 22.53
C VAL F 60 -15.45 11.57 22.07
N PHE F 61 -14.25 11.87 21.56
CA PHE F 61 -13.38 10.81 21.06
C PHE F 61 -12.98 9.86 22.18
N LEU F 62 -12.64 10.40 23.35
CA LEU F 62 -12.30 9.57 24.49
C LEU F 62 -13.46 8.68 24.88
N GLU F 63 -14.67 9.23 24.93
CA GLU F 63 -15.81 8.40 25.28
C GLU F 63 -15.96 7.25 24.29
N ASN F 64 -15.84 7.56 23.00
CA ASN F 64 -16.03 6.51 22.00
C ASN F 64 -14.99 5.40 22.16
N VAL F 65 -13.74 5.76 22.37
CA VAL F 65 -12.71 4.72 22.51
C VAL F 65 -12.86 3.95 23.82
N ILE F 66 -13.10 4.67 24.91
CA ILE F 66 -13.15 4.04 26.22
C ILE F 66 -14.32 3.09 26.32
N ARG F 67 -15.45 3.40 25.67
CA ARG F 67 -16.58 2.48 25.70
C ARG F 67 -16.18 1.12 25.16
N ASP F 68 -15.50 1.11 24.00
CA ASP F 68 -15.08 -0.16 23.42
C ASP F 68 -14.04 -0.85 24.29
N ALA F 69 -13.08 -0.09 24.82
CA ALA F 69 -12.07 -0.72 25.67
C ALA F 69 -12.70 -1.38 26.88
N VAL F 70 -13.63 -0.69 27.54
CA VAL F 70 -14.28 -1.23 28.72
C VAL F 70 -15.15 -2.42 28.34
N THR F 71 -15.80 -2.38 27.19
CA THR F 71 -16.57 -3.55 26.75
C THR F 71 -15.66 -4.75 26.60
N TYR F 72 -14.51 -4.56 25.95
CA TYR F 72 -13.58 -5.67 25.77
C TYR F 72 -13.16 -6.25 27.12
N THR F 73 -12.67 -5.39 28.02
CA THR F 73 -12.17 -5.89 29.29
C THR F 73 -13.29 -6.56 30.10
N GLU F 74 -14.48 -5.96 30.12
CA GLU F 74 -15.60 -6.58 30.81
C GLU F 74 -15.93 -7.94 30.22
N HIS F 75 -15.80 -8.08 28.90
CA HIS F 75 -15.97 -9.40 28.31
C HIS F 75 -14.94 -10.38 28.84
N ALA F 76 -13.70 -9.94 29.01
CA ALA F 76 -12.63 -10.85 29.42
C ALA F 76 -12.65 -11.19 30.91
N LYS F 77 -13.71 -10.85 31.65
CA LYS F 77 -13.77 -11.12 33.08
C LYS F 77 -12.63 -10.46 33.84
N ARG F 78 -12.14 -9.34 33.33
CA ARG F 78 -11.02 -8.65 33.96
C ARG F 78 -11.52 -7.41 34.69
N LYS F 79 -10.60 -6.78 35.42
CA LYS F 79 -10.87 -5.51 36.07
C LYS F 79 -9.86 -4.44 35.71
N THR F 80 -8.81 -4.78 34.98
CA THR F 80 -7.77 -3.84 34.59
C THR F 80 -7.78 -3.67 33.09
N VAL F 81 -8.14 -2.47 32.61
CA VAL F 81 -8.05 -2.19 31.19
C VAL F 81 -6.60 -2.37 30.75
N THR F 82 -6.41 -3.03 29.62
CA THR F 82 -5.08 -3.43 29.18
C THR F 82 -4.72 -2.74 27.87
N ALA F 83 -3.42 -2.56 27.67
CA ALA F 83 -2.94 -1.91 26.46
C ALA F 83 -3.45 -2.62 25.22
N MET F 84 -3.48 -3.96 25.26
CA MET F 84 -4.04 -4.70 24.14
C MET F 84 -5.52 -4.38 23.94
N ASP F 85 -6.26 -4.22 25.04
CA ASP F 85 -7.66 -3.85 24.91
C ASP F 85 -7.81 -2.49 24.24
N VAL F 86 -7.01 -1.52 24.65
CA VAL F 86 -7.11 -0.20 24.04
C VAL F 86 -6.71 -0.26 22.57
N VAL F 87 -5.67 -1.04 22.25
CA VAL F 87 -5.26 -1.16 20.85
C VAL F 87 -6.38 -1.78 20.03
N TYR F 88 -7.03 -2.81 20.55
CA TYR F 88 -8.11 -3.44 19.81
C TYR F 88 -9.26 -2.45 19.61
N ALA F 89 -9.61 -1.71 20.65
CA ALA F 89 -10.67 -0.72 20.52
C ALA F 89 -10.33 0.30 19.44
N LEU F 90 -9.11 0.84 19.47
CA LEU F 90 -8.72 1.82 18.47
C LEU F 90 -8.73 1.22 17.07
N LYS F 91 -8.21 0.01 16.92
CA LYS F 91 -8.10 -0.60 15.61
C LYS F 91 -9.45 -1.09 15.09
N ARG F 92 -10.45 -1.14 15.96
CA ARG F 92 -11.82 -1.39 15.52
C ARG F 92 -12.42 -0.19 14.81
N GLN F 93 -11.85 1.01 14.99
CA GLN F 93 -12.35 2.23 14.38
C GLN F 93 -11.49 2.67 13.21
N GLY F 94 -10.73 1.76 12.60
CA GLY F 94 -9.86 2.13 11.51
C GLY F 94 -8.82 3.15 11.93
N ARG F 95 -8.26 3.01 13.13
CA ARG F 95 -7.25 3.90 13.66
C ARG F 95 -6.12 3.09 14.29
N THR F 96 -5.63 2.12 13.54
CA THR F 96 -4.62 1.21 14.07
C THR F 96 -3.46 1.97 14.68
N LEU F 97 -2.98 1.49 15.83
CA LEU F 97 -1.89 2.12 16.56
C LEU F 97 -0.74 1.14 16.67
N TYR F 98 0.46 1.59 16.30
CA TYR F 98 1.64 0.75 16.33
C TYR F 98 2.51 1.11 17.52
N GLY F 99 3.12 0.09 18.14
CA GLY F 99 4.06 0.29 19.21
C GLY F 99 3.56 -0.06 20.59
N PHE F 100 2.52 -0.88 20.72
CA PHE F 100 2.02 -1.29 22.02
C PHE F 100 1.63 -2.77 22.05
N GLY F 101 1.90 -3.52 21.00
CA GLY F 101 1.56 -4.93 20.97
C GLY F 101 1.05 -5.38 19.61
N ALA G 10 -40.56 -42.04 14.18
CA ALA G 10 -41.39 -42.59 15.25
C ALA G 10 -40.83 -42.22 16.61
N ARG G 11 -40.11 -41.10 16.67
CA ARG G 11 -39.51 -40.63 17.91
C ARG G 11 -40.42 -39.61 18.61
N ALA G 12 -40.73 -38.52 17.93
CA ALA G 12 -41.59 -37.48 18.48
C ALA G 12 -41.82 -36.44 17.39
N LYS G 13 -42.78 -35.55 17.63
CA LYS G 13 -43.05 -34.47 16.69
C LYS G 13 -41.88 -33.51 16.63
N ALA G 14 -41.43 -33.19 15.42
CA ALA G 14 -40.26 -32.34 15.24
C ALA G 14 -40.65 -30.88 15.44
N LYS G 15 -40.26 -30.31 16.58
CA LYS G 15 -40.49 -28.91 16.87
C LYS G 15 -39.20 -28.14 16.56
N THR G 16 -39.25 -27.31 15.53
CA THR G 16 -38.06 -26.59 15.10
C THR G 16 -37.64 -25.58 16.16
N ARG G 17 -36.33 -25.28 16.18
CA ARG G 17 -35.79 -24.46 17.24
C ARG G 17 -36.33 -23.03 17.18
N SER G 18 -36.61 -22.51 15.99
CA SER G 18 -37.21 -21.18 15.90
C SER G 18 -38.55 -21.14 16.63
N SER G 19 -39.39 -22.16 16.41
CA SER G 19 -40.65 -22.22 17.13
C SER G 19 -40.42 -22.41 18.62
N ARG G 20 -39.46 -23.26 18.99
CA ARG G 20 -39.19 -23.50 20.40
C ARG G 20 -38.79 -22.21 21.11
N ALA G 21 -38.01 -21.37 20.45
CA ALA G 21 -37.55 -20.11 21.02
C ALA G 21 -38.51 -18.95 20.76
N GLY G 22 -39.57 -19.17 19.99
CA GLY G 22 -40.52 -18.11 19.71
C GLY G 22 -39.98 -17.00 18.83
N LEU G 23 -39.18 -17.35 17.84
CA LEU G 23 -38.67 -16.40 16.85
C LEU G 23 -39.26 -16.71 15.49
N GLN G 24 -38.87 -15.90 14.51
CA GLN G 24 -39.25 -16.11 13.12
C GLN G 24 -38.10 -16.57 12.24
N PHE G 25 -36.87 -16.18 12.57
CA PHE G 25 -35.75 -16.51 11.70
C PHE G 25 -35.30 -17.95 11.93
N PRO G 26 -34.62 -18.55 10.94
CA PRO G 26 -34.24 -19.97 11.02
C PRO G 26 -33.02 -20.18 11.89
N VAL G 27 -33.25 -20.70 13.09
CA VAL G 27 -32.14 -21.00 13.99
C VAL G 27 -31.22 -22.04 13.38
N GLY G 28 -31.81 -23.09 12.78
CA GLY G 28 -30.99 -24.11 12.15
C GLY G 28 -30.13 -23.55 11.03
N ARG G 29 -30.71 -22.69 10.20
CA ARG G 29 -29.95 -22.10 9.11
C ARG G 29 -28.82 -21.24 9.64
N VAL G 30 -29.08 -20.44 10.66
CA VAL G 30 -28.03 -19.61 11.24
C VAL G 30 -26.92 -20.48 11.80
N HIS G 31 -27.28 -21.56 12.50
CA HIS G 31 -26.27 -22.44 13.06
C HIS G 31 -25.44 -23.09 11.95
N ARG G 32 -26.10 -23.51 10.87
CA ARG G 32 -25.36 -24.10 9.76
C ARG G 32 -24.38 -23.12 9.16
N LEU G 33 -24.81 -21.87 8.95
CA LEU G 33 -23.90 -20.87 8.41
C LEU G 33 -22.73 -20.62 9.36
N LEU G 34 -23.01 -20.54 10.65
CA LEU G 34 -21.93 -20.32 11.61
C LEU G 34 -20.91 -21.44 11.55
N ARG G 35 -21.38 -22.69 11.46
CA ARG G 35 -20.43 -23.80 11.34
C ARG G 35 -19.65 -23.70 10.04
N LYS G 36 -20.35 -23.55 8.92
CA LYS G 36 -19.70 -23.64 7.62
C LYS G 36 -18.73 -22.49 7.38
N GLY G 37 -18.96 -21.35 8.00
CA GLY G 37 -18.13 -20.19 7.75
C GLY G 37 -16.75 -20.23 8.38
N ASN G 38 -16.38 -21.34 9.01
CA ASN G 38 -15.12 -21.51 9.72
C ASN G 38 -14.75 -20.27 10.51
N TYR G 39 -15.76 -19.63 11.11
CA TYR G 39 -15.52 -18.56 12.06
C TYR G 39 -14.89 -19.10 13.33
N SER G 40 -15.25 -20.32 13.72
CA SER G 40 -14.62 -20.99 14.84
C SER G 40 -14.77 -22.49 14.65
N GLU G 41 -13.92 -23.25 15.35
CA GLU G 41 -13.97 -24.70 15.22
C GLU G 41 -15.15 -25.30 15.96
N ARG G 42 -15.62 -24.64 17.02
CA ARG G 42 -16.78 -25.10 17.78
C ARG G 42 -17.75 -23.94 17.96
N VAL G 43 -19.04 -24.26 17.95
CA VAL G 43 -20.10 -23.26 18.04
C VAL G 43 -21.04 -23.65 19.18
N GLY G 44 -21.31 -22.71 20.07
CA GLY G 44 -22.20 -22.98 21.17
C GLY G 44 -23.64 -23.13 20.73
N ALA G 45 -24.46 -23.69 21.62
CA ALA G 45 -25.85 -23.95 21.29
C ALA G 45 -26.65 -22.65 21.23
N GLY G 46 -26.45 -21.76 22.19
CA GLY G 46 -27.22 -20.53 22.24
C GLY G 46 -26.78 -19.45 21.29
N ALA G 47 -25.62 -19.61 20.66
CA ALA G 47 -25.14 -18.59 19.73
C ALA G 47 -26.07 -18.40 18.55
N PRO G 48 -26.48 -19.44 17.82
CA PRO G 48 -27.42 -19.22 16.72
C PRO G 48 -28.73 -18.61 17.19
N VAL G 49 -29.22 -19.02 18.36
CA VAL G 49 -30.48 -18.45 18.86
C VAL G 49 -30.32 -16.96 19.08
N TYR G 50 -29.25 -16.55 19.76
CA TYR G 50 -29.06 -15.13 20.03
C TYR G 50 -28.88 -14.34 18.74
N LEU G 51 -28.09 -14.89 17.81
CA LEU G 51 -27.88 -14.19 16.55
C LEU G 51 -29.17 -14.02 15.78
N ALA G 52 -29.99 -15.08 15.73
CA ALA G 52 -31.27 -14.99 15.04
C ALA G 52 -32.17 -13.96 15.71
N ALA G 53 -32.17 -13.92 17.04
CA ALA G 53 -32.97 -12.91 17.73
C ALA G 53 -32.54 -11.51 17.33
N VAL G 54 -31.23 -11.26 17.30
CA VAL G 54 -30.74 -9.93 16.95
C VAL G 54 -31.14 -9.58 15.52
N LEU G 55 -30.94 -10.52 14.59
CA LEU G 55 -31.28 -10.25 13.20
C LEU G 55 -32.76 -9.95 13.05
N GLU G 56 -33.61 -10.74 13.69
CA GLU G 56 -35.04 -10.52 13.61
C GLU G 56 -35.42 -9.17 14.18
N TYR G 57 -34.84 -8.78 15.31
CA TYR G 57 -35.15 -7.47 15.87
C TYR G 57 -34.77 -6.36 14.92
N LEU G 58 -33.56 -6.41 14.37
CA LEU G 58 -33.12 -5.34 13.49
C LEU G 58 -33.98 -5.24 12.25
N THR G 59 -34.27 -6.38 11.61
CA THR G 59 -35.09 -6.35 10.41
C THR G 59 -36.49 -5.85 10.73
N ALA G 60 -37.05 -6.24 11.87
CA ALA G 60 -38.36 -5.75 12.25
C ALA G 60 -38.34 -4.23 12.42
N GLU G 61 -37.31 -3.70 13.07
CA GLU G 61 -37.23 -2.26 13.24
C GLU G 61 -37.19 -1.54 11.90
N ILE G 62 -36.27 -1.95 11.02
CA ILE G 62 -36.13 -1.24 9.75
C ILE G 62 -37.41 -1.36 8.94
N LEU G 63 -38.04 -2.54 8.95
CA LEU G 63 -39.26 -2.73 8.17
C LEU G 63 -40.39 -1.88 8.73
N GLU G 64 -40.49 -1.75 10.06
CA GLU G 64 -41.51 -0.89 10.63
C GLU G 64 -41.31 0.54 10.16
N LEU G 65 -40.08 1.04 10.21
CA LEU G 65 -39.85 2.42 9.78
C LEU G 65 -40.16 2.58 8.29
N ALA G 66 -39.77 1.60 7.47
CA ALA G 66 -40.04 1.69 6.05
C ALA G 66 -41.54 1.67 5.78
N GLY G 67 -42.29 0.83 6.49
CA GLY G 67 -43.73 0.80 6.31
C GLY G 67 -44.38 2.11 6.70
N ASN G 68 -43.92 2.72 7.80
CA ASN G 68 -44.45 4.02 8.18
C ASN G 68 -44.16 5.06 7.10
N ALA G 69 -42.94 5.05 6.56
CA ALA G 69 -42.61 6.01 5.51
C ALA G 69 -43.49 5.79 4.29
N ALA G 70 -43.69 4.53 3.89
CA ALA G 70 -44.53 4.25 2.73
C ALA G 70 -45.96 4.71 2.95
N ARG G 71 -46.50 4.46 4.15
CA ARG G 71 -47.86 4.89 4.44
C ARG G 71 -47.96 6.41 4.39
N ASP G 72 -46.95 7.10 4.92
CA ASP G 72 -46.94 8.56 4.82
C ASP G 72 -46.93 8.99 3.36
N ASN G 73 -46.16 8.30 2.53
CA ASN G 73 -46.14 8.57 1.10
C ASN G 73 -47.43 8.13 0.41
N LYS G 74 -48.30 7.41 1.12
CA LYS G 74 -49.58 6.95 0.58
C LYS G 74 -49.37 5.88 -0.49
N LYS G 75 -48.52 4.90 -0.17
CA LYS G 75 -48.33 3.72 -1.00
C LYS G 75 -48.44 2.48 -0.14
N THR G 76 -48.88 1.39 -0.75
CA THR G 76 -49.06 0.11 -0.05
C THR G 76 -47.88 -0.83 -0.24
N ARG G 77 -46.83 -0.41 -0.93
CA ARG G 77 -45.68 -1.26 -1.19
C ARG G 77 -44.41 -0.57 -0.73
N ILE G 78 -43.48 -1.34 -0.19
CA ILE G 78 -42.19 -0.82 0.25
C ILE G 78 -41.20 -0.97 -0.88
N ILE G 79 -40.46 0.10 -1.16
CA ILE G 79 -39.52 0.12 -2.29
C ILE G 79 -38.19 0.72 -1.83
N PRO G 80 -37.11 0.51 -2.59
CA PRO G 80 -35.82 1.10 -2.21
C PRO G 80 -35.91 2.55 -1.76
N ARG G 81 -36.76 3.37 -2.35
CA ARG G 81 -36.87 4.76 -1.89
C ARG G 81 -37.34 4.80 -0.45
N HIS G 82 -38.38 4.05 -0.12
CA HIS G 82 -38.86 4.04 1.26
C HIS G 82 -37.80 3.49 2.20
N LEU G 83 -37.09 2.45 1.79
CA LEU G 83 -36.04 1.91 2.65
C LEU G 83 -34.95 2.96 2.91
N GLN G 84 -34.55 3.66 1.85
CA GLN G 84 -33.51 4.67 1.99
C GLN G 84 -33.95 5.77 2.95
N LEU G 85 -35.19 6.24 2.79
CA LEU G 85 -35.71 7.28 3.67
C LEU G 85 -35.77 6.79 5.11
N ALA G 86 -36.23 5.57 5.32
CA ALA G 86 -36.34 5.04 6.68
C ALA G 86 -34.96 4.94 7.32
N ILE G 87 -33.98 4.44 6.57
CA ILE G 87 -32.64 4.28 7.14
C ILE G 87 -32.06 5.63 7.51
N ARG G 88 -32.10 6.59 6.60
CA ARG G 88 -31.39 7.84 6.86
C ARG G 88 -32.13 8.75 7.83
N ASN G 89 -33.46 8.74 7.81
CA ASN G 89 -34.18 9.61 8.74
C ASN G 89 -33.91 9.21 10.19
N ASP G 90 -33.86 7.92 10.47
CA ASP G 90 -33.57 7.44 11.81
C ASP G 90 -32.09 7.62 12.12
N GLU G 91 -31.80 8.23 13.25
CA GLU G 91 -30.41 8.60 13.57
C GLU G 91 -29.57 7.37 13.88
N GLU G 92 -30.09 6.46 14.71
CA GLU G 92 -29.33 5.27 15.08
C GLU G 92 -29.06 4.40 13.86
N LEU G 93 -30.09 4.14 13.06
CA LEU G 93 -29.89 3.35 11.85
C LEU G 93 -28.95 4.07 10.89
N ASN G 94 -29.04 5.39 10.80
CA ASN G 94 -28.12 6.12 9.93
C ASN G 94 -26.68 5.89 10.36
N LYS G 95 -26.42 5.94 11.66
CA LYS G 95 -25.07 5.66 12.15
C LYS G 95 -24.66 4.23 11.84
N LEU G 96 -25.58 3.28 12.02
CA LEU G 96 -25.24 1.88 11.80
C LEU G 96 -24.92 1.61 10.33
N LEU G 97 -25.63 2.27 9.42
CA LEU G 97 -25.51 2.02 7.99
C LEU G 97 -25.04 3.26 7.26
N GLY G 98 -24.03 3.94 7.80
CA GLY G 98 -23.54 5.17 7.19
C GLY G 98 -22.67 4.98 5.97
N ARG G 99 -22.21 3.76 5.70
CA ARG G 99 -21.27 3.52 4.62
C ARG G 99 -21.88 2.70 3.48
N VAL G 100 -23.20 2.51 3.47
CA VAL G 100 -23.85 1.67 2.47
C VAL G 100 -24.50 2.57 1.42
N THR G 101 -24.77 1.97 0.27
CA THR G 101 -25.49 2.63 -0.81
C THR G 101 -26.66 1.75 -1.21
N ILE G 102 -27.86 2.31 -1.17
CA ILE G 102 -29.08 1.59 -1.52
C ILE G 102 -29.39 1.87 -2.98
N ALA G 103 -29.44 0.82 -3.80
CA ALA G 103 -29.74 1.00 -5.21
C ALA G 103 -31.13 1.62 -5.36
N GLN G 104 -31.26 2.54 -6.31
CA GLN G 104 -32.52 3.25 -6.52
C GLN G 104 -32.97 3.92 -5.23
N GLY G 105 -32.02 4.50 -4.50
CA GLY G 105 -32.31 5.05 -3.19
C GLY G 105 -32.60 6.54 -3.21
N GLY G 106 -31.88 7.29 -4.03
CA GLY G 106 -32.02 8.73 -3.98
C GLY G 106 -31.34 9.28 -2.73
N VAL G 107 -31.70 10.52 -2.40
CA VAL G 107 -31.14 11.21 -1.24
C VAL G 107 -32.26 11.94 -0.51
N LEU G 108 -31.94 12.39 0.69
CA LEU G 108 -32.92 13.07 1.52
C LEU G 108 -33.17 14.48 0.97
N PRO G 109 -34.42 14.88 0.79
CA PRO G 109 -34.68 16.24 0.27
C PRO G 109 -34.36 17.31 1.32
N ASN G 110 -33.26 18.02 1.12
CA ASN G 110 -32.90 19.13 1.98
C ASN G 110 -32.08 20.13 1.19
N ILE G 111 -32.24 21.40 1.52
CA ILE G 111 -31.55 22.49 0.87
C ILE G 111 -30.97 23.41 1.94
N GLN G 112 -29.70 23.76 1.80
CA GLN G 112 -29.08 24.67 2.75
C GLN G 112 -29.81 26.00 2.76
N ALA G 113 -30.10 26.52 3.96
CA ALA G 113 -30.92 27.71 4.08
C ALA G 113 -30.34 28.88 3.30
N VAL G 114 -29.02 28.92 3.10
CA VAL G 114 -28.40 30.04 2.40
C VAL G 114 -28.92 30.11 0.96
N LEU G 115 -29.06 28.95 0.31
CA LEU G 115 -29.51 28.94 -1.07
C LEU G 115 -30.91 29.50 -1.23
N LEU G 116 -31.80 29.25 -0.26
CA LEU G 116 -33.17 29.69 -0.40
C LEU G 116 -33.22 31.21 -0.52
N PRO G 117 -34.05 31.75 -1.41
CA PRO G 117 -34.08 33.19 -1.61
C PRO G 117 -34.66 33.92 -0.41
N LYS G 118 -34.26 35.18 -0.26
CA LYS G 118 -34.73 36.02 0.84
C LYS G 118 -35.31 37.33 0.29
N ARG H 31 -29.59 -25.30 -12.38
CA ARG H 31 -30.68 -25.62 -11.47
C ARG H 31 -30.23 -25.56 -10.02
N SER H 32 -29.10 -24.90 -9.77
CA SER H 32 -28.59 -24.79 -8.42
C SER H 32 -29.57 -24.00 -7.55
N ARG H 33 -29.70 -24.42 -6.30
CA ARG H 33 -30.59 -23.78 -5.34
C ARG H 33 -29.79 -22.77 -4.53
N LYS H 34 -30.23 -21.52 -4.51
CA LYS H 34 -29.56 -20.44 -3.79
C LYS H 34 -30.42 -20.04 -2.60
N GLU H 35 -29.76 -19.88 -1.45
CA GLU H 35 -30.47 -19.64 -0.20
C GLU H 35 -30.59 -18.15 0.10
N SER H 36 -31.71 -17.76 0.70
CA SER H 36 -31.97 -16.37 1.04
C SER H 36 -32.92 -16.33 2.23
N TYR H 37 -33.22 -15.11 2.68
CA TYR H 37 -34.10 -14.90 3.83
C TYR H 37 -35.43 -14.28 3.43
N SER H 38 -35.83 -14.45 2.17
CA SER H 38 -37.03 -13.76 1.70
C SER H 38 -38.26 -14.17 2.47
N VAL H 39 -38.42 -15.48 2.71
CA VAL H 39 -39.62 -15.96 3.39
C VAL H 39 -39.73 -15.34 4.77
N TYR H 40 -38.61 -15.32 5.51
CA TYR H 40 -38.65 -14.85 6.88
C TYR H 40 -38.83 -13.34 6.94
N VAL H 41 -38.18 -12.61 6.04
CA VAL H 41 -38.43 -11.17 5.94
C VAL H 41 -39.90 -10.91 5.67
N TYR H 42 -40.50 -11.67 4.77
CA TYR H 42 -41.91 -11.47 4.45
C TYR H 42 -42.78 -11.76 5.66
N LYS H 43 -42.47 -12.82 6.40
CA LYS H 43 -43.27 -13.15 7.58
C LYS H 43 -43.20 -12.04 8.62
N VAL H 44 -42.00 -11.54 8.89
CA VAL H 44 -41.89 -10.46 9.88
C VAL H 44 -42.56 -9.20 9.37
N LEU H 45 -42.49 -8.94 8.06
CA LEU H 45 -43.18 -7.78 7.51
C LEU H 45 -44.68 -7.89 7.72
N LYS H 46 -45.25 -9.07 7.46
CA LYS H 46 -46.67 -9.26 7.70
C LYS H 46 -46.99 -9.10 9.17
N GLN H 47 -46.14 -9.62 10.04
CA GLN H 47 -46.40 -9.50 11.47
C GLN H 47 -46.45 -8.03 11.89
N VAL H 48 -45.51 -7.22 11.42
CA VAL H 48 -45.43 -5.84 11.89
C VAL H 48 -46.50 -4.98 11.22
N HIS H 49 -46.73 -5.16 9.92
CA HIS H 49 -47.74 -4.40 9.18
C HIS H 49 -48.58 -5.39 8.37
N PRO H 50 -49.75 -5.80 8.87
CA PRO H 50 -50.51 -6.84 8.18
C PRO H 50 -50.96 -6.45 6.78
N ASP H 51 -51.02 -5.16 6.45
CA ASP H 51 -51.61 -4.70 5.20
C ASP H 51 -50.59 -3.96 4.33
N THR H 52 -49.38 -4.50 4.21
CA THR H 52 -48.34 -3.88 3.40
C THR H 52 -47.59 -4.94 2.61
N GLY H 53 -47.33 -4.64 1.34
CA GLY H 53 -46.52 -5.47 0.48
C GLY H 53 -45.12 -4.89 0.33
N ILE H 54 -44.24 -5.71 -0.25
CA ILE H 54 -42.84 -5.33 -0.44
C ILE H 54 -42.40 -5.78 -1.82
N SER H 55 -41.80 -4.85 -2.57
CA SER H 55 -41.38 -5.13 -3.93
C SER H 55 -40.19 -6.09 -3.94
N SER H 56 -39.94 -6.68 -5.11
CA SER H 56 -38.84 -7.62 -5.24
C SER H 56 -37.50 -6.96 -4.97
N LYS H 57 -37.31 -5.75 -5.49
CA LYS H 57 -36.04 -5.05 -5.26
C LYS H 57 -35.86 -4.72 -3.78
N ALA H 58 -36.94 -4.32 -3.11
CA ALA H 58 -36.85 -4.11 -1.67
C ALA H 58 -36.52 -5.40 -0.94
N MET H 59 -37.08 -6.51 -1.40
CA MET H 59 -36.75 -7.80 -0.82
C MET H 59 -35.26 -8.10 -0.98
N GLY H 60 -34.71 -7.81 -2.16
CA GLY H 60 -33.28 -8.02 -2.36
C GLY H 60 -32.44 -7.14 -1.46
N ILE H 61 -32.86 -5.88 -1.29
CA ILE H 61 -32.13 -4.99 -0.39
C ILE H 61 -32.15 -5.52 1.04
N MET H 62 -33.31 -5.99 1.50
CA MET H 62 -33.38 -6.57 2.84
C MET H 62 -32.50 -7.80 2.95
N ASN H 63 -32.48 -8.64 1.91
CA ASN H 63 -31.62 -9.81 1.91
C ASN H 63 -30.16 -9.40 2.10
N SER H 64 -29.70 -8.44 1.31
CA SER H 64 -28.32 -8.00 1.41
C SER H 64 -28.03 -7.41 2.79
N PHE H 65 -28.98 -6.64 3.33
CA PHE H 65 -28.78 -6.06 4.64
C PHE H 65 -28.64 -7.13 5.71
N VAL H 66 -29.50 -8.16 5.67
CA VAL H 66 -29.42 -9.23 6.65
C VAL H 66 -28.09 -9.94 6.53
N ASN H 67 -27.66 -10.24 5.30
CA ASN H 67 -26.37 -10.91 5.13
C ASN H 67 -25.23 -10.07 5.68
N ASP H 68 -25.26 -8.76 5.42
CA ASP H 68 -24.21 -7.88 5.90
C ASP H 68 -24.14 -7.87 7.42
N ILE H 69 -25.29 -7.69 8.07
CA ILE H 69 -25.29 -7.65 9.54
C ILE H 69 -24.81 -8.97 10.10
N PHE H 70 -25.27 -10.08 9.50
CA PHE H 70 -24.82 -11.39 9.97
C PHE H 70 -23.30 -11.51 9.88
N GLU H 71 -22.72 -11.15 8.74
CA GLU H 71 -21.28 -11.25 8.61
C GLU H 71 -20.58 -10.36 9.62
N ARG H 72 -21.05 -9.13 9.81
CA ARG H 72 -20.42 -8.24 10.78
C ARG H 72 -20.40 -8.88 12.16
N ILE H 73 -21.56 -9.29 12.65
CA ILE H 73 -21.66 -9.78 14.01
C ILE H 73 -20.85 -11.06 14.18
N ALA H 74 -20.96 -11.98 13.23
CA ALA H 74 -20.26 -13.25 13.37
C ALA H 74 -18.75 -13.07 13.30
N GLY H 75 -18.27 -12.21 12.39
CA GLY H 75 -16.85 -11.94 12.34
C GLY H 75 -16.35 -11.34 13.63
N GLU H 76 -17.09 -10.39 14.18
CA GLU H 76 -16.67 -9.78 15.44
C GLU H 76 -16.63 -10.82 16.56
N ALA H 77 -17.63 -11.70 16.61
CA ALA H 77 -17.66 -12.70 17.67
C ALA H 77 -16.49 -13.66 17.55
N SER H 78 -16.23 -14.17 16.34
CA SER H 78 -15.09 -15.07 16.16
C SER H 78 -13.79 -14.36 16.50
N ARG H 79 -13.73 -13.07 16.21
CA ARG H 79 -12.51 -12.32 16.43
C ARG H 79 -12.26 -12.16 17.93
N LEU H 80 -13.33 -11.91 18.69
CA LEU H 80 -13.23 -11.93 20.14
C LEU H 80 -12.77 -13.29 20.66
N ALA H 81 -13.37 -14.35 20.12
CA ALA H 81 -12.99 -15.69 20.55
C ALA H 81 -11.51 -15.92 20.35
N HIS H 82 -10.97 -15.50 19.21
CA HIS H 82 -9.54 -15.62 18.98
C HIS H 82 -8.75 -14.78 19.96
N TYR H 83 -9.19 -13.55 20.23
CA TYR H 83 -8.45 -12.70 21.15
C TYR H 83 -8.32 -13.33 22.52
N ASN H 84 -9.40 -13.92 23.03
CA ASN H 84 -9.39 -14.48 24.37
C ASN H 84 -8.94 -15.94 24.40
N LYS H 85 -8.17 -16.37 23.39
CA LYS H 85 -7.60 -17.71 23.37
C LYS H 85 -8.68 -18.78 23.56
N ARG H 86 -9.88 -18.50 23.08
CA ARG H 86 -11.01 -19.41 23.18
C ARG H 86 -11.25 -20.07 21.84
N SER H 87 -11.99 -21.18 21.87
CA SER H 87 -12.24 -21.97 20.66
C SER H 87 -13.72 -22.22 20.42
N THR H 88 -14.61 -21.49 21.11
CA THR H 88 -16.04 -21.75 21.00
C THR H 88 -16.79 -20.43 21.06
N ILE H 89 -17.53 -20.12 20.00
CA ILE H 89 -18.44 -18.98 19.99
C ILE H 89 -19.65 -19.33 20.83
N THR H 90 -20.03 -18.43 21.73
CA THR H 90 -21.16 -18.66 22.61
C THR H 90 -22.03 -17.41 22.70
N SER H 91 -23.12 -17.54 23.45
CA SER H 91 -24.03 -16.42 23.62
C SER H 91 -23.30 -15.20 24.16
N ARG H 92 -22.32 -15.39 25.03
CA ARG H 92 -21.58 -14.25 25.56
C ARG H 92 -20.81 -13.54 24.44
N GLU H 93 -20.14 -14.29 23.58
CA GLU H 93 -19.42 -13.66 22.49
C GLU H 93 -20.36 -12.91 21.56
N ILE H 94 -21.51 -13.51 21.25
CA ILE H 94 -22.47 -12.82 20.39
C ILE H 94 -22.96 -11.55 21.07
N GLN H 95 -23.23 -11.62 22.37
CA GLN H 95 -23.73 -10.45 23.09
C GLN H 95 -22.69 -9.34 23.09
N THR H 96 -21.43 -9.66 23.33
CA THR H 96 -20.40 -8.63 23.30
C THR H 96 -20.26 -8.05 21.90
N ALA H 97 -20.34 -8.91 20.87
CA ALA H 97 -20.22 -8.41 19.50
C ALA H 97 -21.34 -7.44 19.17
N VAL H 98 -22.57 -7.76 19.56
CA VAL H 98 -23.68 -6.87 19.27
C VAL H 98 -23.55 -5.59 20.07
N ARG H 99 -23.09 -5.68 21.32
CA ARG H 99 -22.83 -4.48 22.10
C ARG H 99 -21.80 -3.59 21.45
N LEU H 100 -20.79 -4.20 20.80
CA LEU H 100 -19.76 -3.40 20.14
C LEU H 100 -20.27 -2.79 18.85
N LEU H 101 -21.10 -3.52 18.09
CA LEU H 101 -21.55 -3.02 16.80
C LEU H 101 -22.71 -2.04 16.94
N LEU H 102 -23.82 -2.48 17.48
CA LEU H 102 -25.01 -1.64 17.53
C LEU H 102 -24.80 -0.46 18.48
N PRO H 103 -25.21 0.75 18.10
CA PRO H 103 -25.05 1.89 18.99
C PRO H 103 -26.25 2.18 19.87
N GLY H 104 -25.96 2.44 21.15
CA GLY H 104 -26.93 3.05 22.04
C GLY H 104 -28.21 2.25 22.22
N GLU H 105 -29.34 2.96 22.16
CA GLU H 105 -30.63 2.35 22.49
C GLU H 105 -30.94 1.17 21.58
N LEU H 106 -30.49 1.22 20.33
CA LEU H 106 -30.66 0.07 19.46
C LEU H 106 -29.96 -1.15 20.05
N ALA H 107 -28.73 -0.98 20.53
CA ALA H 107 -28.02 -2.09 21.14
C ALA H 107 -28.72 -2.57 22.40
N LYS H 108 -29.24 -1.63 23.21
CA LYS H 108 -29.94 -2.04 24.43
C LYS H 108 -31.14 -2.91 24.11
N HIS H 109 -31.96 -2.47 23.15
CA HIS H 109 -33.12 -3.26 22.77
C HIS H 109 -32.70 -4.60 22.19
N ALA H 110 -31.66 -4.60 21.35
CA ALA H 110 -31.22 -5.85 20.74
C ALA H 110 -30.75 -6.84 21.78
N VAL H 111 -29.99 -6.37 22.77
CA VAL H 111 -29.48 -7.27 23.78
C VAL H 111 -30.62 -7.77 24.67
N SER H 112 -31.60 -6.91 24.97
CA SER H 112 -32.76 -7.39 25.74
C SER H 112 -33.49 -8.48 24.98
N GLU H 113 -33.72 -8.27 23.68
CA GLU H 113 -34.41 -9.29 22.90
C GLU H 113 -33.61 -10.58 22.84
N GLY H 114 -32.29 -10.47 22.66
CA GLY H 114 -31.47 -11.66 22.58
C GLY H 114 -31.48 -12.46 23.86
N THR H 115 -31.31 -11.78 25.00
CA THR H 115 -31.32 -12.50 26.27
C THR H 115 -32.68 -13.13 26.52
N LYS H 116 -33.76 -12.43 26.20
CA LYS H 116 -35.09 -13.01 26.35
C LYS H 116 -35.22 -14.26 25.49
N ALA H 117 -34.76 -14.19 24.25
CA ALA H 117 -34.88 -15.33 23.35
C ALA H 117 -34.11 -16.53 23.87
N VAL H 118 -32.88 -16.33 24.33
CA VAL H 118 -32.08 -17.46 24.80
C VAL H 118 -32.70 -18.05 26.06
N THR H 119 -33.20 -17.19 26.95
CA THR H 119 -33.83 -17.72 28.17
C THR H 119 -35.05 -18.55 27.82
N CYS H 120 -35.89 -18.07 26.89
CA CYS H 120 -37.04 -18.86 26.48
C CYS H 120 -36.60 -20.18 25.86
N TYR H 121 -35.57 -20.14 25.01
CA TYR H 121 -35.12 -21.37 24.35
C TYR H 121 -34.64 -22.40 25.37
N THR H 122 -33.84 -21.96 26.35
CA THR H 122 -33.34 -22.90 27.34
C THR H 122 -34.47 -23.39 28.25
N SER H 123 -35.44 -22.52 28.54
CA SER H 123 -36.59 -22.97 29.33
C SER H 123 -37.36 -24.07 28.60
N ALA H 124 -37.57 -23.91 27.30
CA ALA H 124 -38.26 -24.92 26.52
C ALA H 124 -37.28 -25.97 26.02
N LYS K 37 -45.20 39.49 -24.79
CA LYS K 37 -44.00 39.73 -23.99
C LYS K 37 -43.48 38.40 -23.41
N PRO K 38 -42.22 38.07 -23.69
CA PRO K 38 -41.68 36.81 -23.15
C PRO K 38 -41.60 36.85 -21.64
N HIS K 39 -41.76 35.67 -21.03
CA HIS K 39 -41.69 35.51 -19.59
C HIS K 39 -40.38 34.80 -19.25
N ARG K 40 -39.56 35.43 -18.40
CA ARG K 40 -38.29 34.87 -17.98
C ARG K 40 -38.23 34.86 -16.45
N TYR K 41 -37.96 33.70 -15.88
CA TYR K 41 -37.80 33.61 -14.44
C TYR K 41 -36.50 34.25 -14.01
N ARG K 42 -36.47 34.74 -12.77
CA ARG K 42 -35.25 35.26 -12.21
C ARG K 42 -34.19 34.15 -12.15
N PRO K 43 -32.93 34.45 -12.46
CA PRO K 43 -31.90 33.39 -12.42
C PRO K 43 -31.82 32.76 -11.04
N GLY K 44 -32.14 31.48 -10.97
CA GLY K 44 -32.06 30.75 -9.72
C GLY K 44 -33.34 29.99 -9.38
N THR K 45 -34.49 30.56 -9.73
CA THR K 45 -35.76 29.92 -9.35
C THR K 45 -35.90 28.55 -10.00
N VAL K 46 -35.64 28.47 -11.31
CA VAL K 46 -35.73 27.17 -11.97
C VAL K 46 -34.64 26.25 -11.46
N ALA K 47 -33.50 26.79 -11.03
CA ALA K 47 -32.48 25.96 -10.43
C ALA K 47 -33.00 25.29 -9.17
N LEU K 48 -33.60 26.06 -8.27
CA LEU K 48 -34.19 25.47 -7.07
C LEU K 48 -35.30 24.48 -7.44
N ARG K 49 -36.09 24.81 -8.46
CA ARG K 49 -37.17 23.92 -8.85
C ARG K 49 -36.62 22.56 -9.28
N GLU K 50 -35.59 22.56 -10.10
CA GLU K 50 -35.03 21.29 -10.56
C GLU K 50 -34.24 20.58 -9.47
N ILE K 51 -33.66 21.30 -8.51
CA ILE K 51 -33.12 20.64 -7.32
C ILE K 51 -34.23 19.89 -6.60
N ARG K 52 -35.35 20.56 -6.34
CA ARG K 52 -36.45 19.89 -5.67
C ARG K 52 -36.93 18.69 -6.47
N ARG K 53 -36.95 18.80 -7.79
CA ARG K 53 -37.37 17.67 -8.61
C ARG K 53 -36.41 16.50 -8.45
N TYR K 54 -35.10 16.76 -8.53
CA TYR K 54 -34.15 15.67 -8.60
C TYR K 54 -33.92 15.02 -7.24
N GLN K 55 -34.03 15.77 -6.15
CA GLN K 55 -33.95 15.12 -4.85
C GLN K 55 -35.21 14.34 -4.51
N LYS K 56 -36.21 14.31 -5.40
CA LYS K 56 -37.44 13.57 -5.16
C LYS K 56 -37.50 12.26 -5.92
N SER K 57 -36.84 12.16 -7.07
CA SER K 57 -36.85 10.94 -7.87
C SER K 57 -35.60 10.12 -7.60
N THR K 58 -35.53 8.96 -8.25
CA THR K 58 -34.44 8.02 -8.01
C THR K 58 -33.90 7.41 -9.31
N GLU K 59 -34.17 8.03 -10.46
CA GLU K 59 -33.67 7.48 -11.70
C GLU K 59 -32.16 7.58 -11.74
N LEU K 60 -31.58 7.09 -12.84
CA LEU K 60 -30.14 7.10 -13.04
C LEU K 60 -29.77 8.26 -13.96
N LEU K 61 -29.01 9.21 -13.42
CA LEU K 61 -28.85 10.51 -14.06
C LEU K 61 -27.82 10.52 -15.18
N ILE K 62 -27.02 9.48 -15.31
CA ILE K 62 -26.05 9.41 -16.39
C ILE K 62 -26.63 8.56 -17.51
N ARG K 63 -26.22 8.84 -18.73
CA ARG K 63 -26.72 8.09 -19.87
C ARG K 63 -26.08 6.70 -19.92
N LYS K 64 -26.91 5.68 -19.92
CA LYS K 64 -26.44 4.32 -19.66
C LYS K 64 -25.44 3.86 -20.71
N LEU K 65 -25.74 4.08 -21.98
CA LEU K 65 -24.90 3.54 -23.04
C LEU K 65 -23.53 4.21 -23.05
N PRO K 66 -23.44 5.53 -23.01
CA PRO K 66 -22.11 6.16 -22.92
C PRO K 66 -21.37 5.80 -21.66
N PHE K 67 -22.07 5.64 -20.54
CA PHE K 67 -21.38 5.16 -19.34
C PHE K 67 -20.80 3.78 -19.56
N GLN K 68 -21.55 2.90 -20.23
CA GLN K 68 -21.03 1.58 -20.54
C GLN K 68 -19.80 1.66 -21.43
N ARG K 69 -19.83 2.54 -22.43
CA ARG K 69 -18.65 2.71 -23.27
C ARG K 69 -17.45 3.14 -22.43
N LEU K 70 -17.66 4.08 -21.52
CA LEU K 70 -16.56 4.55 -20.68
C LEU K 70 -16.01 3.43 -19.82
N VAL K 71 -16.89 2.62 -19.23
CA VAL K 71 -16.44 1.53 -18.38
C VAL K 71 -15.62 0.54 -19.19
N ARG K 72 -16.08 0.20 -20.39
CA ARG K 72 -15.33 -0.74 -21.22
C ARG K 72 -13.97 -0.16 -21.60
N GLU K 73 -13.93 1.12 -21.96
CA GLU K 73 -12.64 1.72 -22.29
C GLU K 73 -11.68 1.66 -21.10
N ILE K 74 -12.18 1.98 -19.91
CA ILE K 74 -11.31 1.96 -18.74
C ILE K 74 -10.81 0.55 -18.48
N ALA K 75 -11.69 -0.44 -18.57
CA ALA K 75 -11.26 -1.82 -18.39
C ALA K 75 -10.34 -2.30 -19.50
N GLN K 76 -10.29 -1.59 -20.63
CA GLN K 76 -9.43 -2.01 -21.73
C GLN K 76 -7.98 -2.10 -21.28
N ASP K 77 -7.58 -1.32 -20.28
CA ASP K 77 -6.17 -1.20 -19.92
C ASP K 77 -5.66 -2.33 -19.03
N PHE K 78 -6.55 -3.14 -18.46
CA PHE K 78 -6.14 -4.19 -17.54
C PHE K 78 -6.24 -5.59 -18.11
N LYS K 79 -7.22 -5.86 -18.98
CA LYS K 79 -7.39 -7.20 -19.54
C LYS K 79 -8.16 -7.06 -20.84
N THR K 80 -7.49 -7.27 -21.96
CA THR K 80 -8.14 -7.13 -23.24
C THR K 80 -9.17 -8.23 -23.45
N ASP K 81 -10.14 -7.95 -24.32
CA ASP K 81 -11.18 -8.91 -24.68
C ASP K 81 -11.97 -9.33 -23.44
N LEU K 82 -12.34 -8.36 -22.62
CA LEU K 82 -13.17 -8.60 -21.45
C LEU K 82 -14.63 -8.50 -21.82
N ARG K 83 -15.46 -9.27 -21.12
CA ARG K 83 -16.90 -9.20 -21.25
C ARG K 83 -17.50 -8.77 -19.92
N PHE K 84 -18.65 -8.11 -20.01
CA PHE K 84 -19.31 -7.53 -18.84
C PHE K 84 -20.73 -8.03 -18.75
N GLN K 85 -21.23 -8.12 -17.52
CA GLN K 85 -22.64 -8.39 -17.29
C GLN K 85 -23.39 -7.08 -17.16
N SER K 86 -24.57 -7.02 -17.79
CA SER K 86 -25.40 -5.83 -17.67
C SER K 86 -25.59 -5.45 -16.22
N SER K 87 -25.80 -6.44 -15.36
CA SER K 87 -25.96 -6.16 -13.94
C SER K 87 -24.70 -5.54 -13.36
N ALA K 88 -23.52 -6.01 -13.80
CA ALA K 88 -22.28 -5.43 -13.33
C ALA K 88 -22.16 -3.96 -13.73
N VAL K 89 -22.50 -3.65 -14.98
CA VAL K 89 -22.43 -2.27 -15.43
C VAL K 89 -23.39 -1.40 -14.63
N MET K 90 -24.61 -1.89 -14.40
CA MET K 90 -25.57 -1.12 -13.62
C MET K 90 -25.06 -0.89 -12.21
N ALA K 91 -24.44 -1.90 -11.61
CA ALA K 91 -23.89 -1.72 -10.27
C ALA K 91 -22.82 -0.65 -10.26
N LEU K 92 -21.92 -0.68 -11.24
CA LEU K 92 -20.89 0.34 -11.31
C LEU K 92 -21.52 1.72 -11.44
N GLN K 93 -22.52 1.86 -12.31
CA GLN K 93 -23.13 3.17 -12.53
C GLN K 93 -23.80 3.67 -11.25
N GLU K 94 -24.52 2.79 -10.55
CA GLU K 94 -25.15 3.21 -9.31
C GLU K 94 -24.11 3.68 -8.31
N ALA K 95 -23.03 2.92 -8.13
CA ALA K 95 -22.01 3.30 -7.16
C ALA K 95 -21.40 4.64 -7.54
N SER K 96 -21.12 4.85 -8.82
CA SER K 96 -20.48 6.07 -9.25
C SER K 96 -21.37 7.28 -9.03
N GLU K 97 -22.66 7.16 -9.36
CA GLU K 97 -23.55 8.30 -9.11
C GLU K 97 -23.66 8.59 -7.62
N ALA K 98 -23.74 7.56 -6.78
CA ALA K 98 -23.80 7.82 -5.36
C ALA K 98 -22.54 8.53 -4.87
N TYR K 99 -21.38 8.09 -5.34
CA TYR K 99 -20.13 8.71 -4.94
C TYR K 99 -20.09 10.17 -5.36
N LEU K 100 -20.47 10.46 -6.61
CA LEU K 100 -20.43 11.84 -7.07
C LEU K 100 -21.41 12.72 -6.31
N VAL K 101 -22.59 12.18 -6.00
CA VAL K 101 -23.56 12.98 -5.25
C VAL K 101 -23.00 13.33 -3.88
N GLY K 102 -22.39 12.36 -3.20
CA GLY K 102 -21.77 12.67 -1.92
C GLY K 102 -20.68 13.72 -2.05
N LEU K 103 -19.82 13.55 -3.05
CA LEU K 103 -18.76 14.52 -3.27
C LEU K 103 -19.33 15.91 -3.48
N PHE K 104 -20.45 16.02 -4.19
CA PHE K 104 -21.02 17.33 -4.46
C PHE K 104 -21.69 17.93 -3.24
N GLU K 105 -22.30 17.11 -2.38
CA GLU K 105 -22.78 17.66 -1.12
C GLU K 105 -21.62 18.26 -0.32
N ASP K 106 -20.50 17.53 -0.24
CA ASP K 106 -19.37 18.05 0.50
C ASP K 106 -18.81 19.32 -0.14
N THR K 107 -18.74 19.35 -1.47
CA THR K 107 -18.27 20.53 -2.17
C THR K 107 -19.18 21.73 -1.89
N ASN K 108 -20.48 21.50 -1.88
CA ASN K 108 -21.41 22.59 -1.59
C ASN K 108 -21.20 23.12 -0.18
N LEU K 109 -20.99 22.21 0.78
CA LEU K 109 -20.67 22.67 2.13
C LEU K 109 -19.42 23.53 2.14
N SER K 110 -18.40 23.11 1.40
CA SER K 110 -17.17 23.90 1.34
C SER K 110 -17.45 25.29 0.79
N ALA K 111 -18.17 25.36 -0.33
CA ALA K 111 -18.45 26.66 -0.95
C ALA K 111 -19.24 27.56 -0.02
N ILE K 112 -20.26 27.00 0.64
CA ILE K 112 -21.00 27.80 1.62
C ILE K 112 -20.07 28.30 2.71
N HIS K 113 -19.14 27.45 3.15
CA HIS K 113 -18.20 27.88 4.17
C HIS K 113 -17.38 29.07 3.70
N ALA K 114 -16.98 29.06 2.44
CA ALA K 114 -16.20 30.17 1.91
C ALA K 114 -17.02 31.43 1.71
N LYS K 115 -18.28 31.48 2.15
CA LYS K 115 -19.12 32.69 2.02
C LYS K 115 -19.43 33.00 0.56
N ARG K 116 -19.83 31.96 -0.18
CA ARG K 116 -20.26 32.12 -1.56
C ARG K 116 -21.09 30.90 -1.93
N VAL K 117 -21.79 30.99 -3.06
CA VAL K 117 -22.76 29.98 -3.45
C VAL K 117 -22.35 29.19 -4.70
N THR K 118 -21.25 29.55 -5.35
CA THR K 118 -20.79 28.86 -6.54
C THR K 118 -19.66 27.90 -6.20
N ILE K 119 -19.82 26.64 -6.57
CA ILE K 119 -18.81 25.62 -6.31
C ILE K 119 -17.73 25.70 -7.37
N MET K 120 -16.49 25.42 -7.00
CA MET K 120 -15.35 25.54 -7.89
C MET K 120 -14.34 24.43 -7.66
N PRO K 121 -13.42 24.23 -8.60
CA PRO K 121 -12.39 23.19 -8.44
C PRO K 121 -11.67 23.26 -7.11
N LYS K 122 -11.39 24.45 -6.58
CA LYS K 122 -10.76 24.51 -5.28
C LYS K 122 -11.65 23.89 -4.22
N ASP K 123 -12.97 24.12 -4.30
CA ASP K 123 -13.87 23.47 -3.35
C ASP K 123 -13.81 21.95 -3.48
N ILE K 124 -13.84 21.44 -4.71
CA ILE K 124 -13.79 20.00 -4.89
C ILE K 124 -12.49 19.44 -4.32
N GLN K 125 -11.39 20.11 -4.59
CA GLN K 125 -10.10 19.65 -4.12
C GLN K 125 -10.04 19.65 -2.60
N LEU K 126 -10.59 20.70 -1.96
CA LEU K 126 -10.64 20.71 -0.51
C LEU K 126 -11.42 19.52 0.01
N ALA K 127 -12.59 19.25 -0.58
CA ALA K 127 -13.40 18.14 -0.08
C ALA K 127 -12.63 16.83 -0.18
N ARG K 128 -12.02 16.58 -1.34
CA ARG K 128 -11.29 15.33 -1.51
C ARG K 128 -10.10 15.25 -0.57
N ARG K 129 -9.36 16.34 -0.41
CA ARG K 129 -8.19 16.32 0.46
C ARG K 129 -8.59 16.02 1.90
N ILE K 130 -9.65 16.66 2.39
CA ILE K 130 -10.06 16.41 3.76
C ILE K 130 -10.54 14.97 3.91
N ARG K 131 -11.33 14.48 2.96
CA ARG K 131 -11.79 13.10 3.05
C ARG K 131 -10.66 12.10 2.91
N GLY K 132 -9.50 12.52 2.43
CA GLY K 132 -8.37 11.63 2.35
C GLY K 132 -8.24 10.85 1.07
N GLU K 133 -8.95 11.25 0.01
CA GLU K 133 -8.85 10.59 -1.27
C GLU K 133 -7.69 11.11 -2.11
N ARG K 134 -7.00 12.14 -1.65
CA ARG K 134 -5.93 12.75 -2.42
C ARG K 134 -4.69 13.00 -1.55
N LEU L 22 -12.97 2.45 -29.05
CA LEU L 22 -13.12 2.78 -27.64
C LEU L 22 -12.04 3.74 -27.19
N ARG L 23 -11.88 4.84 -27.92
CA ARG L 23 -10.90 5.87 -27.60
C ARG L 23 -11.62 7.16 -27.24
N ASP L 24 -11.24 7.75 -26.12
CA ASP L 24 -11.72 9.06 -25.72
C ASP L 24 -13.26 9.09 -25.61
N ASN L 25 -13.77 8.29 -24.69
CA ASN L 25 -15.20 8.25 -24.40
C ASN L 25 -15.58 9.04 -23.16
N ILE L 26 -14.62 9.64 -22.47
CA ILE L 26 -14.93 10.36 -21.25
C ILE L 26 -15.89 11.51 -21.50
N GLN L 27 -15.92 12.04 -22.73
CA GLN L 27 -16.89 13.07 -23.05
C GLN L 27 -18.32 12.58 -22.89
N GLY L 28 -18.52 11.25 -22.88
CA GLY L 28 -19.86 10.74 -22.66
C GLY L 28 -20.47 11.24 -21.38
N ILE L 29 -19.65 11.45 -20.35
CA ILE L 29 -20.12 12.09 -19.13
C ILE L 29 -20.33 13.55 -19.46
N THR L 30 -21.56 13.94 -19.74
CA THR L 30 -21.86 15.14 -20.47
C THR L 30 -22.29 16.26 -19.53
N LYS L 31 -22.12 17.50 -19.99
CA LYS L 31 -22.29 18.69 -19.17
C LYS L 31 -23.62 18.68 -18.43
N PRO L 32 -24.77 18.64 -19.11
CA PRO L 32 -26.03 18.62 -18.38
C PRO L 32 -26.17 17.45 -17.43
N ALA L 33 -25.57 16.30 -17.73
CA ALA L 33 -25.61 15.19 -16.78
C ALA L 33 -24.88 15.56 -15.50
N ILE L 34 -23.71 16.20 -15.63
CA ILE L 34 -22.98 16.63 -14.44
C ILE L 34 -23.80 17.66 -13.68
N ARG L 35 -24.47 18.57 -14.40
CA ARG L 35 -25.30 19.55 -13.71
C ARG L 35 -26.45 18.87 -12.97
N ARG L 36 -27.04 17.83 -13.57
CA ARG L 36 -28.11 17.12 -12.89
C ARG L 36 -27.60 16.46 -11.61
N LEU L 37 -26.43 15.84 -11.69
CA LEU L 37 -25.84 15.27 -10.48
C LEU L 37 -25.63 16.34 -9.42
N ALA L 38 -25.10 17.49 -9.82
CA ALA L 38 -24.89 18.56 -8.86
C ALA L 38 -26.19 19.00 -8.23
N ARG L 39 -27.25 19.14 -9.02
CA ARG L 39 -28.54 19.51 -8.47
C ARG L 39 -28.99 18.49 -7.44
N ARG L 40 -28.90 17.20 -7.76
CA ARG L 40 -29.24 16.20 -6.78
C ARG L 40 -28.40 16.38 -5.52
N GLY L 41 -27.17 16.85 -5.68
CA GLY L 41 -26.35 17.15 -4.52
C GLY L 41 -26.80 18.36 -3.74
N GLY L 42 -27.54 19.27 -4.38
CA GLY L 42 -28.02 20.45 -3.71
C GLY L 42 -27.16 21.67 -3.97
N VAL L 43 -26.83 21.90 -5.24
CA VAL L 43 -25.97 23.00 -5.66
C VAL L 43 -26.81 23.99 -6.43
N LYS L 44 -26.65 25.28 -6.11
CA LYS L 44 -27.43 26.33 -6.76
C LYS L 44 -26.77 26.83 -8.04
N ARG L 45 -25.46 27.09 -7.99
CA ARG L 45 -24.72 27.61 -9.13
C ARG L 45 -23.46 26.80 -9.31
N ILE L 46 -23.12 26.51 -10.56
CA ILE L 46 -21.99 25.65 -10.91
C ILE L 46 -21.03 26.45 -11.76
N SER L 47 -19.78 26.51 -11.34
CA SER L 47 -18.77 27.22 -12.12
C SER L 47 -18.47 26.46 -13.40
N GLY L 48 -17.89 27.17 -14.36
CA GLY L 48 -17.61 26.58 -15.66
C GLY L 48 -16.44 25.63 -15.69
N LEU L 49 -15.61 25.63 -14.65
CA LEU L 49 -14.44 24.75 -14.62
C LEU L 49 -14.72 23.43 -13.91
N ILE L 50 -15.90 23.27 -13.30
CA ILE L 50 -16.17 22.06 -12.52
C ILE L 50 -16.04 20.82 -13.38
N TYR L 51 -16.37 20.91 -14.66
CA TYR L 51 -16.58 19.71 -15.47
C TYR L 51 -15.28 18.94 -15.65
N GLU L 52 -14.16 19.63 -15.88
CA GLU L 52 -12.92 18.92 -16.13
C GLU L 52 -12.50 18.07 -14.94
N GLU L 53 -12.47 18.67 -13.74
CA GLU L 53 -12.07 17.86 -12.60
C GLU L 53 -13.16 16.88 -12.16
N THR L 54 -14.43 17.13 -12.52
CA THR L 54 -15.41 16.08 -12.27
C THR L 54 -15.15 14.87 -13.15
N ARG L 55 -14.83 15.10 -14.42
CA ARG L 55 -14.41 14.00 -15.28
C ARG L 55 -13.21 13.29 -14.68
N GLY L 56 -12.22 14.05 -14.22
CA GLY L 56 -11.03 13.43 -13.65
C GLY L 56 -11.33 12.58 -12.42
N VAL L 57 -12.15 13.11 -11.51
CA VAL L 57 -12.50 12.39 -10.30
C VAL L 57 -13.25 11.11 -10.64
N LEU L 58 -14.22 11.21 -11.55
CA LEU L 58 -14.96 10.02 -11.94
C LEU L 58 -14.03 8.99 -12.55
N LYS L 59 -13.12 9.43 -13.42
CA LYS L 59 -12.22 8.47 -14.05
C LYS L 59 -11.35 7.78 -13.00
N VAL L 60 -10.84 8.54 -12.03
CA VAL L 60 -10.01 7.94 -10.99
C VAL L 60 -10.80 6.90 -10.22
N PHE L 61 -12.03 7.24 -9.86
CA PHE L 61 -12.86 6.29 -9.13
C PHE L 61 -13.10 5.01 -9.94
N LEU L 62 -13.40 5.17 -11.22
CA LEU L 62 -13.65 4.00 -12.06
C LEU L 62 -12.42 3.12 -12.17
N GLU L 63 -11.23 3.71 -12.35
CA GLU L 63 -10.04 2.85 -12.36
C GLU L 63 -9.89 2.14 -11.03
N ASN L 64 -10.04 2.85 -9.93
CA ASN L 64 -9.83 2.24 -8.63
C ASN L 64 -10.76 1.06 -8.41
N VAL L 65 -11.98 1.12 -8.94
CA VAL L 65 -12.92 0.00 -8.76
C VAL L 65 -12.71 -1.09 -9.80
N ILE L 66 -12.52 -0.72 -11.07
CA ILE L 66 -12.39 -1.70 -12.13
C ILE L 66 -11.13 -2.54 -11.94
N ARG L 67 -10.06 -1.93 -11.43
CA ARG L 67 -8.84 -2.71 -11.21
C ARG L 67 -9.12 -3.88 -10.27
N ASP L 68 -9.78 -3.60 -9.15
CA ASP L 68 -10.09 -4.66 -8.20
C ASP L 68 -11.07 -5.67 -8.79
N ALA L 69 -12.09 -5.19 -9.51
CA ALA L 69 -13.05 -6.12 -10.10
C ALA L 69 -12.38 -7.06 -11.08
N VAL L 70 -11.52 -6.52 -11.94
CA VAL L 70 -10.83 -7.34 -12.92
C VAL L 70 -9.86 -8.29 -12.24
N THR L 71 -9.22 -7.85 -11.15
CA THR L 71 -8.36 -8.75 -10.41
C THR L 71 -9.14 -9.94 -9.89
N TYR L 72 -10.29 -9.69 -9.26
CA TYR L 72 -11.14 -10.78 -8.80
C TYR L 72 -11.48 -11.70 -9.96
N THR L 73 -11.94 -11.13 -11.07
CA THR L 73 -12.38 -11.93 -12.21
C THR L 73 -11.26 -12.82 -12.72
N GLU L 74 -10.10 -12.24 -13.02
CA GLU L 74 -9.01 -13.02 -13.57
C GLU L 74 -8.44 -14.00 -12.56
N HIS L 75 -8.68 -13.79 -11.27
CA HIS L 75 -8.37 -14.84 -10.31
C HIS L 75 -9.34 -15.99 -10.43
N ALA L 76 -10.64 -15.69 -10.61
CA ALA L 76 -11.62 -16.76 -10.72
C ALA L 76 -11.52 -17.51 -12.05
N LYS L 77 -10.60 -17.12 -12.93
CA LYS L 77 -10.40 -17.79 -14.21
C LYS L 77 -11.63 -17.68 -15.10
N ARG L 78 -12.10 -16.46 -15.31
CA ARG L 78 -13.20 -16.19 -16.22
C ARG L 78 -12.94 -14.91 -16.98
N LYS L 79 -13.62 -14.77 -18.11
CA LYS L 79 -13.48 -13.61 -18.97
C LYS L 79 -14.64 -12.63 -18.83
N THR L 80 -15.55 -12.87 -17.90
CA THR L 80 -16.75 -12.05 -17.74
C THR L 80 -16.76 -11.45 -16.34
N VAL L 81 -16.62 -10.13 -16.26
CA VAL L 81 -16.84 -9.46 -14.99
C VAL L 81 -18.28 -9.69 -14.56
N THR L 82 -18.52 -9.70 -13.24
CA THR L 82 -19.83 -10.00 -12.72
C THR L 82 -20.23 -9.03 -11.62
N ALA L 83 -21.55 -8.89 -11.45
CA ALA L 83 -22.07 -8.01 -10.41
C ALA L 83 -21.51 -8.38 -9.05
N MET L 84 -21.33 -9.66 -8.79
CA MET L 84 -20.76 -10.07 -7.51
C MET L 84 -19.33 -9.57 -7.37
N ASP L 85 -18.53 -9.65 -8.44
CA ASP L 85 -17.18 -9.13 -8.38
C ASP L 85 -17.18 -7.64 -8.10
N VAL L 86 -18.05 -6.89 -8.78
CA VAL L 86 -18.09 -5.45 -8.54
C VAL L 86 -18.52 -5.16 -7.12
N VAL L 87 -19.49 -5.91 -6.59
CA VAL L 87 -19.95 -5.68 -5.24
C VAL L 87 -18.83 -5.93 -4.24
N TYR L 88 -18.06 -7.01 -4.45
CA TYR L 88 -16.94 -7.28 -3.55
C TYR L 88 -15.89 -6.19 -3.64
N ALA L 89 -15.59 -5.71 -4.85
CA ALA L 89 -14.62 -4.63 -4.97
C ALA L 89 -15.08 -3.41 -4.19
N LEU L 90 -16.35 -3.02 -4.36
CA LEU L 90 -16.86 -1.86 -3.66
C LEU L 90 -16.82 -2.07 -2.15
N LYS L 91 -17.22 -3.25 -1.67
CA LYS L 91 -17.18 -3.51 -0.25
C LYS L 91 -15.76 -3.42 0.28
N ARG L 92 -14.80 -3.94 -0.49
CA ARG L 92 -13.40 -3.80 -0.12
C ARG L 92 -13.02 -2.34 0.03
N GLN L 93 -13.46 -1.49 -0.89
CA GLN L 93 -13.11 -0.08 -0.74
C GLN L 93 -13.90 0.61 0.35
N GLY L 94 -14.68 -0.09 1.17
CA GLY L 94 -15.39 0.55 2.25
C GLY L 94 -16.65 1.27 1.82
N ARG L 95 -17.26 0.87 0.72
CA ARG L 95 -18.48 1.49 0.20
C ARG L 95 -19.48 0.42 -0.22
N THR L 96 -19.72 -0.54 0.67
CA THR L 96 -20.65 -1.63 0.39
C THR L 96 -21.89 -1.12 -0.34
N LEU L 97 -22.36 -1.91 -1.30
CA LEU L 97 -23.52 -1.58 -2.11
C LEU L 97 -24.56 -2.67 -1.96
N TYR L 98 -25.80 -2.27 -1.65
CA TYR L 98 -26.89 -3.21 -1.45
C TYR L 98 -27.73 -3.34 -2.72
N GLY L 99 -28.44 -4.45 -2.81
CA GLY L 99 -29.40 -4.66 -3.88
C GLY L 99 -28.91 -5.52 -5.03
N PHE L 100 -27.70 -6.03 -4.97
CA PHE L 100 -27.16 -6.87 -6.04
C PHE L 100 -26.70 -8.24 -5.58
N GLY L 101 -26.84 -8.55 -4.29
CA GLY L 101 -26.44 -9.84 -3.77
C GLY L 101 -25.19 -9.77 -2.92
N ASP M 1 31.46 10.85 -30.70
CA ASP M 1 32.45 10.80 -29.64
C ASP M 1 32.09 11.77 -28.51
N TYR M 2 32.10 13.07 -28.83
CA TYR M 2 31.79 14.07 -27.83
C TYR M 2 30.33 13.94 -27.37
N LYS M 3 29.41 13.87 -28.32
CA LYS M 3 27.99 13.71 -27.97
C LYS M 3 27.80 12.46 -27.11
N ALA M 4 28.38 11.34 -27.53
CA ALA M 4 28.32 10.13 -26.71
C ALA M 4 29.06 10.31 -25.41
N ARG M 5 30.20 11.02 -25.42
CA ARG M 5 30.98 11.18 -24.20
C ARG M 5 30.19 11.88 -23.11
N LEU M 6 29.48 12.96 -23.46
CA LEU M 6 28.85 13.82 -22.46
C LEU M 6 27.32 13.80 -22.53
N THR M 7 26.74 12.71 -23.03
CA THR M 7 25.31 12.47 -22.93
C THR M 7 25.06 11.38 -21.88
N CYS M 8 23.84 11.34 -21.37
CA CYS M 8 23.52 10.42 -20.28
C CYS M 8 23.75 8.99 -20.76
N PRO M 9 24.63 8.21 -20.12
CA PRO M 9 25.01 6.90 -20.68
C PRO M 9 23.85 5.93 -20.78
N CYS M 10 23.10 5.76 -19.69
CA CYS M 10 22.11 4.69 -19.65
C CYS M 10 21.07 4.84 -20.75
N CYS M 11 20.55 6.05 -20.95
CA CYS M 11 19.55 6.30 -21.98
C CYS M 11 20.14 6.70 -23.31
N ASN M 12 21.16 7.57 -23.30
CA ASN M 12 21.79 8.03 -24.53
C ASN M 12 20.77 8.64 -25.49
N MET M 13 19.79 9.34 -24.92
CA MET M 13 18.80 10.07 -25.70
C MET M 13 18.82 11.56 -25.42
N ARG M 14 19.24 11.97 -24.23
CA ARG M 14 19.36 13.37 -23.86
C ARG M 14 20.61 13.57 -23.01
N LYS M 15 20.70 14.73 -22.38
CA LYS M 15 21.96 15.28 -21.89
C LYS M 15 22.25 14.81 -20.47
N LYS M 16 23.49 15.02 -20.03
CA LYS M 16 23.84 14.82 -18.63
C LYS M 16 23.45 16.06 -17.84
N ASP M 17 22.44 15.94 -16.98
CA ASP M 17 22.03 17.07 -16.15
C ASP M 17 21.67 16.63 -14.74
N ALA M 18 22.33 15.61 -14.20
CA ALA M 18 22.12 15.21 -12.82
C ALA M 18 23.38 14.54 -12.30
N VAL M 19 23.53 14.56 -10.98
CA VAL M 19 24.69 13.97 -10.30
C VAL M 19 24.19 13.10 -9.16
N LEU M 20 24.83 11.96 -8.96
CA LEU M 20 24.50 11.04 -7.88
C LEU M 20 25.60 11.17 -6.84
N THR M 21 25.28 11.80 -5.70
CA THR M 21 26.31 12.20 -4.75
C THR M 21 27.03 11.00 -4.13
N LYS M 22 26.35 9.89 -3.90
CA LYS M 22 26.97 8.77 -3.20
C LYS M 22 28.20 8.26 -3.95
N CYS M 23 28.05 7.96 -5.25
CA CYS M 23 29.18 7.55 -6.07
C CYS M 23 29.72 8.67 -6.93
N PHE M 24 29.08 9.85 -6.90
CA PHE M 24 29.55 11.00 -7.64
C PHE M 24 29.54 10.74 -9.15
N HIS M 25 28.45 10.15 -9.63
CA HIS M 25 28.24 9.92 -11.05
C HIS M 25 27.39 11.06 -11.63
N VAL M 26 27.26 11.05 -12.95
CA VAL M 26 26.55 12.11 -13.65
C VAL M 26 25.61 11.47 -14.66
N PHE M 27 24.32 11.41 -14.33
CA PHE M 27 23.28 10.96 -15.25
C PHE M 27 22.27 12.07 -15.47
N CYS M 28 21.19 11.79 -16.17
CA CYS M 28 20.16 12.79 -16.45
C CYS M 28 19.03 12.69 -15.44
N PHE M 29 18.48 13.85 -15.10
CA PHE M 29 17.61 13.96 -13.93
C PHE M 29 16.38 13.09 -14.06
N GLU M 30 15.82 12.98 -15.26
CA GLU M 30 14.60 12.17 -15.38
C GLU M 30 14.91 10.68 -15.30
N CYS M 31 16.02 10.21 -15.86
CA CYS M 31 16.43 8.84 -15.57
C CYS M 31 16.50 8.63 -14.07
N VAL M 32 17.18 9.52 -13.35
CA VAL M 32 17.32 9.35 -11.91
C VAL M 32 15.94 9.29 -11.25
N LYS M 33 15.05 10.21 -11.65
CA LYS M 33 13.75 10.31 -10.99
C LYS M 33 12.91 9.06 -11.23
N THR M 34 12.86 8.57 -12.48
CA THR M 34 12.07 7.38 -12.75
C THR M 34 12.64 6.17 -12.04
N ARG M 35 13.96 6.00 -12.03
CA ARG M 35 14.49 4.86 -11.30
C ARG M 35 14.17 4.96 -9.81
N TYR M 36 14.25 6.15 -9.23
CA TYR M 36 13.86 6.30 -7.83
C TYR M 36 12.40 5.91 -7.63
N ASP M 37 11.51 6.47 -8.45
CA ASP M 37 10.08 6.24 -8.25
C ASP M 37 9.70 4.78 -8.48
N THR M 38 10.45 4.08 -9.33
CA THR M 38 10.25 2.66 -9.52
C THR M 38 11.00 1.83 -8.47
N ARG M 39 11.47 2.46 -7.41
CA ARG M 39 12.02 1.76 -6.25
C ARG M 39 13.32 1.02 -6.58
N GLN M 40 14.05 1.49 -7.58
CA GLN M 40 15.42 1.01 -7.80
C GLN M 40 16.41 2.04 -7.25
N ARG M 41 16.38 2.19 -5.93
CA ARG M 41 17.33 3.08 -5.28
C ARG M 41 18.69 2.42 -5.31
N LYS M 42 19.29 2.33 -6.49
CA LYS M 42 20.51 1.54 -6.65
C LYS M 42 21.18 2.04 -7.92
N CYS M 43 22.39 2.57 -7.81
CA CYS M 43 22.98 3.29 -8.93
C CYS M 43 23.09 2.38 -10.16
N PRO M 44 22.92 2.93 -11.36
CA PRO M 44 23.16 2.13 -12.56
C PRO M 44 24.64 1.91 -12.82
N LYS M 45 25.45 2.90 -12.46
CA LYS M 45 26.85 2.91 -12.88
C LYS M 45 27.69 2.01 -11.98
N CYS M 46 27.77 2.33 -10.69
CA CYS M 46 28.47 1.50 -9.72
C CYS M 46 27.56 0.55 -8.96
N ASN M 47 26.27 0.55 -9.24
CA ASN M 47 25.34 -0.38 -8.60
C ASN M 47 25.43 -0.24 -7.08
N ALA M 48 25.02 0.94 -6.61
CA ALA M 48 25.07 1.29 -5.21
C ALA M 48 23.82 2.06 -4.83
N ALA M 49 23.35 1.84 -3.59
CA ALA M 49 22.10 2.42 -3.16
C ALA M 49 22.24 3.91 -2.92
N PHE M 50 21.10 4.58 -2.78
CA PHE M 50 21.06 5.99 -2.44
C PHE M 50 19.66 6.32 -1.95
N GLY M 51 19.42 7.60 -1.71
CA GLY M 51 18.11 8.05 -1.27
C GLY M 51 17.60 9.23 -2.08
N ALA M 52 16.57 9.91 -1.58
CA ALA M 52 16.02 11.06 -2.28
C ALA M 52 16.92 12.28 -2.19
N ASN M 53 17.84 12.31 -1.23
CA ASN M 53 18.71 13.46 -1.01
C ASN M 53 20.13 13.23 -1.50
N ASP M 54 20.38 12.15 -2.25
CA ASP M 54 21.71 11.84 -2.74
C ASP M 54 21.90 12.20 -4.20
N PHE M 55 20.88 12.73 -4.87
CA PHE M 55 20.99 13.19 -6.24
C PHE M 55 20.38 14.57 -6.37
N HIS M 56 20.96 15.39 -7.23
CA HIS M 56 20.50 16.76 -7.41
C HIS M 56 20.80 17.23 -8.83
N ARG M 57 20.07 18.26 -9.23
CA ARG M 57 20.27 18.85 -10.56
C ARG M 57 21.67 19.42 -10.69
N ILE M 58 22.32 19.14 -11.82
CA ILE M 58 23.63 19.69 -12.13
C ILE M 58 23.60 20.23 -13.56
N TYR M 59 24.47 21.20 -13.82
CA TYR M 59 24.57 21.85 -15.12
C TYR M 59 26.00 21.78 -15.61
N ILE M 60 26.16 21.50 -16.91
CA ILE M 60 27.48 21.38 -17.50
C ILE M 60 27.46 21.94 -18.91
N MET N 1 13.50 1.89 -34.67
CA MET N 1 13.80 3.35 -34.47
C MET N 1 12.56 4.10 -33.98
N SER N 2 11.41 3.43 -33.98
CA SER N 2 10.18 4.06 -33.53
C SER N 2 10.24 4.41 -32.04
N THR N 3 10.89 3.56 -31.25
CA THR N 3 10.97 3.76 -29.81
C THR N 3 12.41 3.62 -29.34
N PRO N 4 12.71 4.11 -28.14
CA PRO N 4 14.07 3.94 -27.59
C PRO N 4 14.51 2.49 -27.55
N ALA N 5 13.61 1.57 -27.22
CA ALA N 5 13.96 0.16 -27.24
C ALA N 5 14.38 -0.28 -28.64
N ARG N 6 13.64 0.15 -29.66
CA ARG N 6 13.95 -0.26 -31.02
C ARG N 6 15.28 0.31 -31.47
N ARG N 7 15.55 1.58 -31.19
CA ARG N 7 16.83 2.17 -31.59
C ARG N 7 17.99 1.55 -30.81
N ARG N 8 17.77 1.21 -29.54
CA ARG N 8 18.79 0.52 -28.77
C ARG N 8 19.09 -0.83 -29.38
N LEU N 9 18.05 -1.54 -29.83
CA LEU N 9 18.25 -2.81 -30.52
C LEU N 9 19.04 -2.60 -31.80
N MET N 10 18.72 -1.54 -32.54
CA MET N 10 19.46 -1.22 -33.76
C MET N 10 20.95 -1.08 -33.48
N ARG N 11 21.30 -0.23 -32.50
CA ARG N 11 22.72 -0.04 -32.21
C ARG N 11 23.36 -1.28 -31.62
N ASP N 12 22.61 -2.08 -30.86
CA ASP N 12 23.16 -3.33 -30.34
C ASP N 12 23.53 -4.27 -31.49
N PHE N 13 22.63 -4.40 -32.47
CA PHE N 13 22.96 -5.20 -33.64
C PHE N 13 24.14 -4.63 -34.40
N LYS N 14 24.20 -3.31 -34.51
CA LYS N 14 25.33 -2.69 -35.21
C LYS N 14 26.64 -3.02 -34.53
N ARG N 15 26.68 -2.92 -33.20
CA ARG N 15 27.91 -3.25 -32.48
C ARG N 15 28.24 -4.73 -32.57
N LEU N 16 27.22 -5.60 -32.50
CA LEU N 16 27.47 -7.03 -32.65
C LEU N 16 28.08 -7.33 -34.00
N GLN N 17 27.57 -6.72 -35.06
CA GLN N 17 28.11 -6.94 -36.39
C GLN N 17 29.52 -6.35 -36.52
N GLU N 18 29.75 -5.18 -35.92
CA GLU N 18 31.02 -4.50 -36.10
C GLU N 18 32.15 -5.21 -35.35
N ASP N 19 31.90 -5.61 -34.10
CA ASP N 19 32.92 -6.22 -33.26
C ASP N 19 32.26 -7.15 -32.26
N PRO N 20 31.81 -8.32 -32.71
CA PRO N 20 31.23 -9.28 -31.77
C PRO N 20 32.30 -9.84 -30.85
N PRO N 21 31.96 -10.19 -29.61
CA PRO N 21 32.93 -10.82 -28.73
C PRO N 21 33.41 -12.16 -29.31
N ALA N 22 34.39 -12.74 -28.62
CA ALA N 22 34.99 -13.99 -29.09
C ALA N 22 34.00 -15.14 -28.93
N GLY N 23 33.84 -15.93 -30.00
CA GLY N 23 33.01 -17.12 -29.92
C GLY N 23 31.55 -16.87 -29.62
N VAL N 24 30.96 -15.81 -30.17
CA VAL N 24 29.56 -15.52 -29.96
C VAL N 24 28.98 -14.96 -31.26
N SER N 25 27.67 -15.07 -31.39
CA SER N 25 26.97 -14.56 -32.57
C SER N 25 25.50 -14.34 -32.20
N GLY N 26 24.83 -13.53 -33.03
CA GLY N 26 23.44 -13.21 -32.80
C GLY N 26 22.74 -12.90 -34.11
N ALA N 27 21.42 -13.12 -34.12
CA ALA N 27 20.61 -12.87 -35.29
C ALA N 27 19.18 -12.60 -34.85
N PRO N 28 18.48 -11.67 -35.49
CA PRO N 28 17.09 -11.39 -35.10
C PRO N 28 16.15 -12.45 -35.68
N SER N 29 14.86 -12.21 -35.49
CA SER N 29 13.81 -12.96 -36.16
C SER N 29 13.21 -12.10 -37.26
N GLU N 30 12.92 -12.73 -38.40
CA GLU N 30 12.44 -11.98 -39.56
C GLU N 30 11.13 -11.28 -39.24
N ASN N 31 10.21 -11.95 -38.57
CA ASN N 31 8.87 -11.42 -38.32
C ASN N 31 8.77 -10.59 -37.06
N ASN N 32 9.80 -10.58 -36.22
CA ASN N 32 9.76 -9.82 -34.96
C ASN N 32 11.18 -9.45 -34.59
N ILE N 33 11.56 -8.20 -34.84
CA ILE N 33 12.90 -7.74 -34.49
C ILE N 33 13.13 -7.89 -33.00
N MET N 34 12.08 -7.76 -32.19
CA MET N 34 12.22 -7.92 -30.74
C MET N 34 12.70 -9.31 -30.36
N VAL N 35 12.45 -10.31 -31.20
CA VAL N 35 12.91 -11.68 -30.94
C VAL N 35 14.33 -11.80 -31.48
N TRP N 36 15.17 -12.53 -30.74
CA TRP N 36 16.60 -12.62 -31.03
C TRP N 36 17.03 -14.08 -31.00
N ASN N 37 18.01 -14.42 -31.84
CA ASN N 37 18.56 -15.75 -31.93
C ASN N 37 20.08 -15.66 -31.91
N ALA N 38 20.72 -16.47 -31.07
CA ALA N 38 22.15 -16.38 -30.86
C ALA N 38 22.78 -17.77 -30.86
N VAL N 39 24.05 -17.83 -31.27
CA VAL N 39 24.86 -19.04 -31.22
C VAL N 39 26.19 -18.67 -30.58
N ILE N 40 26.61 -19.47 -29.60
CA ILE N 40 27.79 -19.18 -28.80
C ILE N 40 28.77 -20.34 -28.89
N PHE N 41 30.04 -20.03 -29.10
CA PHE N 41 31.11 -21.02 -29.00
C PHE N 41 31.56 -21.12 -27.55
N GLY N 42 31.75 -22.36 -27.09
CA GLY N 42 32.08 -22.61 -25.70
C GLY N 42 33.37 -21.94 -25.27
N PRO N 43 33.41 -21.43 -24.04
CA PRO N 43 34.63 -20.79 -23.56
C PRO N 43 35.77 -21.78 -23.39
N GLU N 44 36.99 -21.27 -23.54
CA GLU N 44 38.18 -22.10 -23.38
C GLU N 44 38.48 -22.35 -21.92
N GLY N 45 39.19 -23.44 -21.64
CA GLY N 45 39.59 -23.78 -20.30
C GLY N 45 38.49 -24.34 -19.42
N THR N 46 37.35 -24.70 -19.98
CA THR N 46 36.22 -25.22 -19.24
C THR N 46 35.67 -26.45 -19.96
N PRO N 47 34.90 -27.28 -19.26
CA PRO N 47 34.29 -28.45 -19.93
C PRO N 47 33.37 -28.07 -21.07
N PHE N 48 32.86 -26.84 -21.11
CA PHE N 48 31.93 -26.40 -22.14
C PHE N 48 32.61 -26.08 -23.47
N GLU N 49 33.89 -26.42 -23.63
CA GLU N 49 34.60 -26.09 -24.84
C GLU N 49 33.95 -26.74 -26.06
N ASP N 50 34.04 -26.05 -27.20
CA ASP N 50 33.49 -26.55 -28.46
C ASP N 50 31.98 -26.71 -28.37
N GLY N 51 31.32 -25.88 -27.57
CA GLY N 51 29.88 -25.96 -27.41
C GLY N 51 29.16 -24.99 -28.33
N THR N 52 28.09 -25.48 -28.94
CA THR N 52 27.26 -24.71 -29.88
C THR N 52 25.84 -24.68 -29.31
N PHE N 53 25.56 -23.65 -28.53
CA PHE N 53 24.28 -23.52 -27.83
C PHE N 53 23.40 -22.52 -28.56
N LYS N 54 22.13 -22.87 -28.72
CA LYS N 54 21.15 -22.00 -29.37
C LYS N 54 20.26 -21.35 -28.33
N LEU N 55 20.03 -20.04 -28.48
CA LEU N 55 19.30 -19.25 -27.52
C LEU N 55 18.17 -18.49 -28.22
N THR N 56 17.14 -18.17 -27.44
CA THR N 56 16.04 -17.33 -27.90
C THR N 56 15.71 -16.31 -26.82
N ILE N 57 15.40 -15.09 -27.25
CA ILE N 57 15.19 -13.97 -26.35
C ILE N 57 13.91 -13.24 -26.73
N GLU N 58 13.33 -12.54 -25.75
CA GLU N 58 12.14 -11.73 -25.96
C GLU N 58 12.32 -10.38 -25.27
N PHE N 59 11.89 -9.32 -25.94
CA PHE N 59 12.02 -7.96 -25.46
C PHE N 59 10.65 -7.29 -25.36
N THR N 60 10.64 -6.11 -24.75
CA THR N 60 9.42 -5.31 -24.62
C THR N 60 9.69 -3.86 -25.02
N GLU N 61 8.72 -2.99 -24.78
CA GLU N 61 8.78 -1.61 -25.25
C GLU N 61 9.70 -0.72 -24.42
N GLU N 62 9.79 -0.95 -23.11
CA GLU N 62 10.51 -0.05 -22.22
C GLU N 62 11.88 -0.58 -21.80
N TYR N 63 12.39 -1.49 -22.63
CA TYR N 63 13.64 -2.21 -22.43
C TYR N 63 14.72 -1.41 -21.71
N PRO N 64 15.13 -0.25 -22.36
CA PRO N 64 16.18 0.50 -21.64
C PRO N 64 15.74 0.79 -20.22
N ASN N 65 14.94 -0.09 -19.64
CA ASN N 65 14.48 0.12 -18.28
C ASN N 65 14.15 -1.19 -17.56
N LYS N 66 14.07 -2.29 -18.28
CA LYS N 66 13.75 -3.59 -17.74
C LYS N 66 14.71 -4.64 -18.27
N PRO N 67 14.89 -5.74 -17.57
CA PRO N 67 15.65 -6.86 -18.13
C PRO N 67 14.76 -7.74 -18.99
N PRO N 68 15.25 -8.21 -20.15
CA PRO N 68 14.45 -9.13 -20.97
C PRO N 68 14.34 -10.52 -20.38
N THR N 69 13.76 -11.44 -21.14
CA THR N 69 13.65 -12.84 -20.77
C THR N 69 14.36 -13.70 -21.81
N VAL N 70 15.06 -14.75 -21.34
CA VAL N 70 15.84 -15.62 -22.20
C VAL N 70 15.53 -17.07 -21.87
N ARG N 71 15.79 -17.95 -22.84
CA ARG N 71 15.60 -19.38 -22.65
C ARG N 71 16.41 -20.13 -23.69
N PHE N 72 16.87 -21.31 -23.32
CA PHE N 72 17.61 -22.16 -24.25
C PHE N 72 16.66 -22.81 -25.26
N VAL N 73 17.25 -23.19 -26.39
CA VAL N 73 16.58 -24.02 -27.38
C VAL N 73 17.21 -25.41 -27.45
N SER N 74 18.52 -25.49 -27.25
CA SER N 74 19.22 -26.77 -27.23
C SER N 74 19.22 -27.37 -25.83
N LYS N 75 19.74 -28.59 -25.73
CA LYS N 75 19.80 -29.26 -24.44
C LYS N 75 20.73 -28.52 -23.49
N MET N 76 20.40 -28.56 -22.20
CA MET N 76 21.13 -27.83 -21.19
C MET N 76 21.35 -28.70 -19.96
N PHE N 77 22.48 -28.47 -19.28
CA PHE N 77 22.78 -29.13 -18.00
C PHE N 77 23.63 -28.14 -17.20
N HIS N 78 22.97 -27.35 -16.35
CA HIS N 78 23.63 -26.27 -15.66
C HIS N 78 22.87 -25.91 -14.38
N PRO N 79 23.56 -25.75 -13.24
CA PRO N 79 22.82 -25.39 -12.02
C PRO N 79 22.07 -24.07 -12.11
N ASN N 80 22.39 -23.21 -13.08
CA ASN N 80 21.77 -21.91 -13.20
C ASN N 80 20.68 -21.85 -14.26
N VAL N 81 20.25 -22.99 -14.80
CA VAL N 81 19.17 -23.04 -15.77
C VAL N 81 18.17 -24.09 -15.30
N TYR N 82 16.89 -23.80 -15.50
CA TYR N 82 15.86 -24.79 -15.20
C TYR N 82 15.81 -25.82 -16.33
N ALA N 83 15.18 -26.97 -16.03
CA ALA N 83 15.15 -28.05 -17.00
C ALA N 83 14.57 -27.59 -18.34
N ASP N 84 13.44 -26.88 -18.31
CA ASP N 84 12.84 -26.40 -19.55
C ASP N 84 13.72 -25.41 -20.28
N GLY N 85 14.60 -24.71 -19.56
CA GLY N 85 15.41 -23.66 -20.13
C GLY N 85 15.22 -22.29 -19.52
N SER N 86 14.51 -22.19 -18.39
CA SER N 86 14.39 -20.92 -17.69
C SER N 86 15.73 -20.60 -17.03
N ILE N 87 16.45 -19.63 -17.59
CA ILE N 87 17.83 -19.37 -17.23
C ILE N 87 17.84 -18.34 -16.11
N CYS N 88 18.66 -18.58 -15.08
CA CYS N 88 18.63 -17.82 -13.84
C CYS N 88 19.73 -16.76 -13.87
N LEU N 89 19.34 -15.49 -14.02
CA LEU N 89 20.27 -14.38 -14.20
C LEU N 89 19.96 -13.25 -13.23
N ASP N 90 20.99 -12.77 -12.53
CA ASP N 90 20.79 -11.65 -11.62
C ASP N 90 20.66 -10.33 -12.36
N ILE N 91 21.45 -10.10 -13.40
CA ILE N 91 21.36 -8.84 -14.12
C ILE N 91 20.09 -8.85 -14.95
N LEU N 92 19.40 -10.00 -15.00
CA LEU N 92 18.20 -10.14 -15.79
C LEU N 92 16.93 -10.26 -14.95
N GLN N 93 17.05 -10.54 -13.65
CA GLN N 93 15.87 -10.64 -12.80
C GLN N 93 15.99 -9.83 -11.51
N ASN N 94 17.20 -9.72 -10.95
CA ASN N 94 17.43 -9.02 -9.69
C ASN N 94 18.20 -7.73 -9.84
N ARG N 95 19.35 -7.75 -10.53
CA ARG N 95 20.26 -6.61 -10.54
C ARG N 95 20.43 -6.07 -11.96
N TRP N 96 19.33 -5.91 -12.69
CA TRP N 96 19.40 -5.36 -14.04
C TRP N 96 19.86 -3.91 -14.02
N SER N 97 20.63 -3.54 -15.05
CA SER N 97 21.00 -2.16 -15.30
C SER N 97 20.79 -1.86 -16.78
N PRO N 98 20.31 -0.67 -17.11
CA PRO N 98 20.14 -0.32 -18.53
C PRO N 98 21.45 -0.31 -19.30
N THR N 99 22.58 -0.18 -18.61
CA THR N 99 23.87 -0.12 -19.30
C THR N 99 24.17 -1.40 -20.06
N TYR N 100 23.66 -2.54 -19.58
CA TYR N 100 23.93 -3.80 -20.24
C TYR N 100 23.29 -3.85 -21.63
N ASP N 101 23.93 -4.60 -22.53
CA ASP N 101 23.45 -4.80 -23.88
C ASP N 101 23.43 -6.30 -24.16
N VAL N 102 23.02 -6.66 -25.38
CA VAL N 102 22.92 -8.06 -25.75
C VAL N 102 24.28 -8.73 -25.69
N SER N 103 25.32 -8.04 -26.15
CA SER N 103 26.67 -8.61 -26.11
C SER N 103 27.11 -8.86 -24.67
N SER N 104 26.82 -7.90 -23.78
CA SER N 104 27.15 -8.09 -22.37
C SER N 104 26.40 -9.29 -21.81
N ILE N 105 25.13 -9.44 -22.19
CA ILE N 105 24.34 -10.59 -21.73
C ILE N 105 24.98 -11.88 -22.20
N LEU N 106 25.39 -11.92 -23.47
CA LEU N 106 25.98 -13.14 -24.02
C LEU N 106 27.28 -13.48 -23.30
N THR N 107 28.13 -12.48 -23.08
CA THR N 107 29.38 -12.73 -22.36
C THR N 107 29.10 -13.17 -20.93
N SER N 108 28.09 -12.58 -20.29
CA SER N 108 27.75 -12.96 -18.93
C SER N 108 27.29 -14.40 -18.85
N ILE N 109 26.47 -14.82 -19.81
CA ILE N 109 26.01 -16.21 -19.79
C ILE N 109 27.17 -17.16 -20.12
N GLN N 110 28.10 -16.74 -20.97
CA GLN N 110 29.30 -17.54 -21.18
C GLN N 110 30.10 -17.69 -19.88
N SER N 111 30.24 -16.59 -19.14
CA SER N 111 30.93 -16.67 -17.86
C SER N 111 30.19 -17.57 -16.89
N LEU N 112 28.86 -17.54 -16.91
CA LEU N 112 28.08 -18.44 -16.07
C LEU N 112 28.33 -19.89 -16.46
N LEU N 113 28.34 -20.17 -17.77
CA LEU N 113 28.77 -21.50 -18.24
C LEU N 113 30.10 -21.88 -17.62
N ASP N 114 31.02 -20.91 -17.56
CA ASP N 114 32.33 -21.17 -16.95
C ASP N 114 32.19 -21.54 -15.48
N GLU N 115 31.43 -20.74 -14.72
CA GLU N 115 31.31 -20.91 -13.27
C GLU N 115 29.84 -20.89 -12.84
N PRO N 116 29.25 -22.03 -12.49
CA PRO N 116 27.94 -22.00 -11.84
C PRO N 116 28.03 -21.30 -10.49
N ASN N 117 26.97 -20.56 -10.14
CA ASN N 117 26.91 -19.93 -8.83
C ASN N 117 26.54 -20.98 -7.79
N PRO N 118 27.31 -21.12 -6.71
CA PRO N 118 27.02 -22.20 -5.75
C PRO N 118 25.63 -22.11 -5.15
N ASN N 119 25.11 -20.90 -4.93
CA ASN N 119 23.80 -20.71 -4.32
C ASN N 119 22.69 -20.51 -5.36
N SER N 120 22.84 -21.13 -6.52
CA SER N 120 21.87 -20.99 -7.62
C SER N 120 21.55 -22.38 -8.16
N PRO N 121 20.79 -23.17 -7.41
CA PRO N 121 20.49 -24.57 -7.84
C PRO N 121 19.27 -24.67 -8.74
N ALA N 122 19.39 -24.14 -9.96
CA ALA N 122 18.32 -24.35 -10.94
C ALA N 122 18.18 -25.83 -11.28
N ASN N 123 19.30 -26.53 -11.45
CA ASN N 123 19.32 -27.98 -11.55
C ASN N 123 20.06 -28.52 -10.34
N SER N 124 19.31 -29.14 -9.42
CA SER N 124 19.93 -29.69 -8.21
C SER N 124 20.92 -30.80 -8.57
N GLN N 125 20.58 -31.63 -9.55
CA GLN N 125 21.49 -32.70 -9.97
C GLN N 125 22.80 -32.12 -10.49
N ALA N 126 22.72 -31.11 -11.35
CA ALA N 126 23.93 -30.49 -11.87
C ALA N 126 24.74 -29.83 -10.76
N ALA N 127 24.06 -29.16 -9.83
CA ALA N 127 24.77 -28.53 -8.72
C ALA N 127 25.50 -29.56 -7.88
N GLN N 128 24.84 -30.69 -7.58
CA GLN N 128 25.47 -31.72 -6.78
C GLN N 128 26.65 -32.33 -7.51
N LEU N 129 26.52 -32.58 -8.82
CA LEU N 129 27.63 -33.12 -9.59
C LEU N 129 28.81 -32.15 -9.59
N TYR N 130 28.55 -30.85 -9.77
CA TYR N 130 29.62 -29.88 -9.73
C TYR N 130 30.30 -29.86 -8.36
N GLN N 131 29.49 -29.89 -7.30
CA GLN N 131 30.04 -29.78 -5.95
C GLN N 131 30.90 -31.00 -5.61
N GLU N 132 30.42 -32.21 -5.94
CA GLU N 132 31.06 -33.44 -5.53
C GLU N 132 31.65 -34.25 -6.68
N ASN N 133 30.81 -34.65 -7.64
CA ASN N 133 31.23 -35.52 -8.74
C ASN N 133 31.68 -34.65 -9.89
N LYS N 134 32.84 -34.01 -9.72
CA LYS N 134 33.34 -33.11 -10.77
C LYS N 134 33.59 -33.87 -12.06
N ARG N 135 34.17 -35.08 -11.96
CA ARG N 135 34.46 -35.86 -13.17
C ARG N 135 33.19 -36.16 -13.96
N GLU N 136 32.19 -36.72 -13.29
CA GLU N 136 30.91 -36.95 -13.95
C GLU N 136 30.32 -35.64 -14.46
N TYR N 137 30.65 -34.52 -13.79
CA TYR N 137 30.10 -33.25 -14.23
C TYR N 137 30.66 -32.87 -15.60
N GLU N 138 31.99 -32.95 -15.78
CA GLU N 138 32.48 -32.61 -17.12
C GLU N 138 32.09 -33.68 -18.12
N LYS N 139 31.86 -34.91 -17.68
CA LYS N 139 31.32 -35.92 -18.59
C LYS N 139 29.95 -35.49 -19.13
N ARG N 140 29.07 -35.05 -18.23
CA ARG N 140 27.75 -34.59 -18.66
C ARG N 140 27.87 -33.34 -19.53
N VAL N 141 28.79 -32.44 -19.19
CA VAL N 141 28.98 -31.24 -20.00
C VAL N 141 29.43 -31.62 -21.40
N SER N 142 30.35 -32.58 -21.51
CA SER N 142 30.79 -33.05 -22.81
C SER N 142 29.65 -33.68 -23.59
N ALA N 143 28.79 -34.45 -22.91
CA ALA N 143 27.66 -35.04 -23.60
C ALA N 143 26.72 -33.97 -24.15
N ILE N 144 26.41 -32.96 -23.34
CA ILE N 144 25.50 -31.92 -23.80
C ILE N 144 26.13 -31.12 -24.93
N VAL N 145 27.44 -30.87 -24.87
CA VAL N 145 28.12 -30.24 -25.99
C VAL N 145 28.02 -31.14 -27.23
N GLU N 146 28.09 -32.45 -27.04
CA GLU N 146 28.02 -33.37 -28.16
C GLU N 146 26.68 -33.25 -28.87
N GLN N 147 25.58 -33.27 -28.14
CA GLN N 147 24.29 -33.14 -28.83
C GLN N 147 23.92 -31.68 -29.11
N SER N 148 24.70 -30.71 -28.64
CA SER N 148 24.44 -29.32 -28.98
C SER N 148 24.70 -29.03 -30.45
N TRP N 149 25.55 -29.82 -31.11
CA TRP N 149 25.83 -29.59 -32.53
C TRP N 149 24.59 -29.78 -33.39
N ARG N 150 23.59 -30.51 -32.91
CA ARG N 150 22.36 -30.71 -33.66
C ARG N 150 21.21 -29.91 -33.04
ZN ZN O . 40.11 24.40 -12.39
ZN ZN P . 29.18 28.69 -5.79
C1 NAG Q . 9.00 -9.22 -11.33
C2 NAG Q . 10.07 -8.84 -12.37
C3 NAG Q . 9.43 -8.37 -13.67
C4 NAG Q . 8.41 -9.39 -14.16
C5 NAG Q . 7.39 -9.65 -13.07
C6 NAG Q . 6.36 -10.69 -13.46
C7 NAG Q . 12.11 -8.08 -11.22
C8 NAG Q . 12.56 -9.50 -11.29
N2 NAG Q . 10.96 -7.81 -11.83
O3 NAG Q . 10.45 -8.21 -14.66
O4 NAG Q . 7.74 -8.90 -15.31
O5 NAG Q . 8.08 -10.16 -11.91
O6 NAG Q . 6.59 -11.17 -14.78
O7 NAG Q . 12.76 -7.22 -10.64
ZN ZN R . 19.34 9.59 -19.02
ZN ZN S . 27.48 4.68 -9.11
#